data_8GSD
#
_entry.id   8GSD
#
_cell.length_a   1.00
_cell.length_b   1.00
_cell.length_c   1.00
_cell.angle_alpha   90.00
_cell.angle_beta   90.00
_cell.angle_gamma   90.00
#
_symmetry.space_group_name_H-M   'P 1'
#
loop_
_entity.id
_entity.type
_entity.pdbx_description
1 polymer 'Heavy chain of 6D10'
2 polymer 'Light chain of 6D10'
3 polymer 'Genome polyprotein (Fragment)'
4 polymer 'Genome polyprotein'
5 polymer 'Genome polyprotein'
6 polymer 'Genome polyprotein (Fragment)'
7 non-polymer SPHINGOSINE
#
loop_
_entity_poly.entity_id
_entity_poly.type
_entity_poly.pdbx_seq_one_letter_code
_entity_poly.pdbx_strand_id
1 'polypeptide(L)'
;EVQLQQSGPELARPWASVKISCQAFYTFSNYGMQWVKQSPGQGLEWIGPFYPGNADTSYNQKFKGKATLTADKSSSTAYM
QFSSLTSEDSAVYYCARVVATTDFDYWGQGTTVTVSS
;
H
2 'polypeptide(L)'
;YIEASQSPSSLAVSVGEKVTMSCKSSQSLLYSSNQKNYLAWFQQKPGQSPKLLIYWASTRESGVPDRFTGSGSGTDFTLT
ISSVKAEDLAVYYCQQYYSYPYTFGGGTKLKIKR
;
L
3 'polypeptide(L)'
;GDVEEAIDRAVARVADTMPTGPRNTESVPALTAVETGHTSQVVPGDTMQTRHVKNYHSRTESSIENFLCRAACVYIATYK
SAGGTPTERYASWRINTRQMVQLRRKFELFTYLRFDMEITFVITSTQDPGTQLAQDMPVLTHQIMYIPPGGPVPNSATDF
AWQSSTNPSIFWTEGCAPARMSVPFISIGNAYSNFYDGWSHFTQEGVYGFNSLNNMGHIYVRHVNEQSLGVSTSTLRVYF
KPKHVRAWVPRPPRLSPYVKSSNVNFKPTAVTTERKDINDVGTLRPVGYTNH
;
1
4 'polypeptide(L)'
;PTVEECGFSDRVRSITLGNSTITTQECANVVVGYGVWPSYLQDNEATAEDQPTQPDVATCRFYTLDSIQWQKESDGWWWK
FPEALKNMGLFGQNMEYHYLGRSGYTIHVQCNASKFHQGCLLVVCVPEAEMGCSDVEREVVAASLSSEDTAKSFSRTESN
GQHTVQTVVYNAGMGVGVGNLTIFPHQWINLRTNNSATIVMPYINSVPMDNMFRHYNFTLMIIPFAKLEYTEQASNYVPI
TVTVAPMCAEYNGLRLASHQ
;
2
5 'polypeptide(L)'
;GLPTMLTPGSNQFLTSDDFQSPSAMPQFDVTPEMKIPGEVHNLMEIAEVDSVVPVNNTKENINSMEAYRIPVTGGDQLHT
QVFGFQMQPGLNSVFKRTLLGEILNYYAHWSGSVKLTFVFCGSAMATGKFLLAYSPPGASPPQNRKQAMLGTHVIWDVGL
QSSCVLCIPWISQTHYRLVQQDEYTSAGYVTCWYQTGLIVPPGAPPSCTILCFASACNDFSVRMLRDTPFIEQTQLLQ
;
3
6 'polypeptide(L)' MGAQVSTQKTGAHETSLTASGNSTIHYTNINYYKDAASNSANRQDFTQDPSKFTEPMKDVMIKSLPALN 4
#
loop_
_chem_comp.id
_chem_comp.type
_chem_comp.name
_chem_comp.formula
SPH non-polymer SPHINGOSINE 'C18 H37 N O2'
#
# COMPACT_ATOMS: atom_id res chain seq x y z
N GLU A 1 -23.22 -42.22 25.46
CA GLU A 1 -22.81 -42.21 24.06
C GLU A 1 -21.61 -41.32 23.83
N VAL A 2 -21.75 -40.04 24.18
CA VAL A 2 -20.69 -39.06 23.97
C VAL A 2 -20.37 -38.42 25.32
N GLN A 3 -20.47 -39.21 26.38
CA GLN A 3 -20.25 -38.70 27.73
C GLN A 3 -18.79 -38.26 27.88
N LEU A 4 -18.60 -37.06 28.44
CA LEU A 4 -17.27 -36.46 28.58
C LEU A 4 -16.77 -36.70 30.00
N GLN A 5 -16.17 -37.87 30.21
CA GLN A 5 -15.65 -38.22 31.52
C GLN A 5 -14.51 -37.28 31.90
N GLN A 6 -14.65 -36.59 33.02
CA GLN A 6 -13.67 -35.62 33.45
C GLN A 6 -12.66 -36.28 34.39
N SER A 7 -11.83 -35.48 35.04
CA SER A 7 -10.87 -36.02 36.00
C SER A 7 -11.47 -36.06 37.39
N GLY A 8 -10.77 -36.75 38.31
CA GLY A 8 -11.22 -36.88 39.66
C GLY A 8 -10.88 -35.66 40.49
N PRO A 9 -11.18 -35.71 41.79
CA PRO A 9 -10.89 -34.55 42.65
C PRO A 9 -9.39 -34.23 42.65
N GLU A 10 -9.10 -32.93 42.63
CA GLU A 10 -7.73 -32.44 42.54
C GLU A 10 -7.46 -31.37 43.60
N LEU A 11 -8.15 -31.46 44.73
CA LEU A 11 -7.96 -30.50 45.81
C LEU A 11 -6.53 -30.58 46.35
N ALA A 12 -5.91 -29.42 46.55
CA ALA A 12 -4.54 -29.34 47.00
C ALA A 12 -4.28 -27.92 47.52
N ARG A 13 -3.03 -27.63 47.84
CA ARG A 13 -2.62 -26.32 48.28
C ARG A 13 -2.55 -25.36 47.09
N PRO A 14 -2.60 -24.05 47.34
CA PRO A 14 -2.43 -23.08 46.26
C PRO A 14 -1.03 -23.14 45.67
N TRP A 15 -0.87 -22.47 44.53
CA TRP A 15 0.36 -22.51 43.73
C TRP A 15 0.71 -23.95 43.34
N ALA A 16 -0.32 -24.73 43.03
CA ALA A 16 -0.16 -26.12 42.62
C ALA A 16 -1.05 -26.39 41.40
N SER A 17 -0.95 -25.51 40.40
CA SER A 17 -1.84 -25.53 39.23
C SER A 17 -2.01 -26.92 38.66
N VAL A 18 -3.24 -27.43 38.73
CA VAL A 18 -3.55 -28.81 38.35
C VAL A 18 -4.01 -28.84 36.90
N LYS A 19 -3.64 -29.90 36.19
CA LYS A 19 -4.11 -30.12 34.83
C LYS A 19 -5.41 -30.93 34.90
N ILE A 20 -6.53 -30.24 34.76
CA ILE A 20 -7.84 -30.90 34.74
C ILE A 20 -8.04 -31.53 33.37
N SER A 21 -8.62 -32.72 33.35
CA SER A 21 -8.67 -33.56 32.15
C SER A 21 -10.10 -33.99 31.84
N CYS A 22 -10.36 -34.20 30.56
CA CYS A 22 -11.63 -34.75 30.08
C CYS A 22 -11.36 -35.70 28.92
N GLN A 23 -12.21 -36.72 28.81
CA GLN A 23 -12.17 -37.67 27.71
C GLN A 23 -13.35 -37.41 26.76
N ALA A 24 -13.32 -38.09 25.62
CA ALA A 24 -14.33 -37.89 24.60
C ALA A 24 -14.64 -39.19 23.89
N PHE A 25 -15.83 -39.24 23.29
CA PHE A 25 -16.31 -40.41 22.57
C PHE A 25 -16.64 -40.10 21.11
N TYR A 26 -15.98 -39.09 20.54
CA TYR A 26 -16.25 -38.67 19.17
C TYR A 26 -14.94 -38.44 18.43
N THR A 27 -15.03 -38.41 17.11
CA THR A 27 -13.86 -38.12 16.28
C THR A 27 -13.33 -36.72 16.59
N PHE A 28 -12.01 -36.59 16.61
CA PHE A 28 -11.34 -35.35 17.01
C PHE A 28 -10.96 -34.50 15.81
N SER A 29 -11.83 -34.45 14.79
CA SER A 29 -11.63 -33.58 13.63
C SER A 29 -12.92 -32.80 13.39
N ASN A 30 -12.77 -31.49 13.17
CA ASN A 30 -13.84 -30.58 12.77
C ASN A 30 -14.83 -30.27 13.89
N TYR A 31 -14.48 -30.53 15.13
CA TYR A 31 -15.30 -30.19 16.29
C TYR A 31 -14.52 -29.26 17.21
N GLY A 32 -15.15 -28.91 18.33
CA GLY A 32 -14.50 -28.10 19.35
C GLY A 32 -14.97 -28.50 20.74
N MET A 33 -14.17 -28.12 21.72
CA MET A 33 -14.53 -28.39 23.11
C MET A 33 -13.97 -27.30 24.01
N GLN A 34 -14.73 -26.98 25.06
CA GLN A 34 -14.44 -25.85 25.94
C GLN A 34 -14.53 -26.30 27.39
N TRP A 35 -13.89 -25.52 28.26
CA TRP A 35 -13.99 -25.68 29.70
C TRP A 35 -14.67 -24.45 30.29
N VAL A 36 -15.64 -24.67 31.16
CA VAL A 36 -16.40 -23.60 31.80
C VAL A 36 -16.34 -23.78 33.30
N LYS A 37 -16.09 -22.68 34.01
CA LYS A 37 -15.85 -22.71 35.44
C LYS A 37 -17.16 -22.46 36.19
N GLN A 38 -17.54 -23.38 37.07
CA GLN A 38 -18.79 -23.32 37.81
C GLN A 38 -18.50 -23.27 39.30
N SER A 39 -18.88 -22.17 39.94
CA SER A 39 -18.88 -22.05 41.39
C SER A 39 -20.15 -21.28 41.74
N PRO A 40 -20.96 -21.78 42.68
CA PRO A 40 -22.21 -21.09 43.00
C PRO A 40 -22.03 -19.71 43.61
N GLY A 41 -20.80 -19.30 43.89
CA GLY A 41 -20.55 -17.96 44.38
C GLY A 41 -20.17 -17.01 43.27
N GLN A 42 -19.99 -17.53 42.06
CA GLN A 42 -19.61 -16.73 40.91
C GLN A 42 -20.50 -16.93 39.69
N GLY A 43 -21.59 -17.70 39.82
CA GLY A 43 -22.40 -17.99 38.65
C GLY A 43 -21.67 -18.89 37.67
N LEU A 44 -21.72 -18.51 36.40
CA LEU A 44 -21.07 -19.25 35.33
C LEU A 44 -20.18 -18.32 34.52
N GLU A 45 -19.03 -18.85 34.10
CA GLU A 45 -18.10 -18.11 33.24
C GLU A 45 -17.41 -19.10 32.30
N TRP A 46 -16.46 -18.58 31.53
CA TRP A 46 -15.88 -19.29 30.39
C TRP A 46 -14.39 -19.06 30.33
N ILE A 47 -13.67 -20.05 29.78
CA ILE A 47 -12.21 -20.07 29.87
C ILE A 47 -11.56 -20.00 28.49
N GLY A 48 -11.80 -21.00 27.64
CA GLY A 48 -11.17 -21.04 26.34
C GLY A 48 -11.53 -22.26 25.52
N PRO A 49 -11.58 -22.09 24.18
CA PRO A 49 -11.92 -23.21 23.31
C PRO A 49 -10.71 -23.89 22.69
N PHE A 50 -10.78 -25.20 22.49
CA PHE A 50 -9.85 -25.90 21.62
C PHE A 50 -10.64 -26.47 20.45
N TYR A 51 -10.17 -26.23 19.22
CA TYR A 51 -10.93 -26.54 18.02
C TYR A 51 -10.15 -27.55 17.18
N PRO A 52 -10.36 -28.84 17.42
CA PRO A 52 -9.82 -29.85 16.51
C PRO A 52 -10.41 -29.72 15.12
N GLY A 53 -9.60 -30.03 14.12
CA GLY A 53 -9.98 -29.82 12.74
C GLY A 53 -9.70 -28.41 12.23
N ASN A 54 -9.29 -27.51 13.11
CA ASN A 54 -8.89 -26.17 12.72
C ASN A 54 -7.59 -25.70 13.34
N ALA A 55 -7.14 -26.32 14.44
CA ALA A 55 -5.83 -26.07 15.05
C ALA A 55 -5.69 -24.60 15.46
N ASP A 56 -6.54 -24.19 16.40
CA ASP A 56 -6.49 -22.84 16.94
C ASP A 56 -7.13 -22.85 18.33
N THR A 57 -6.82 -21.83 19.11
CA THR A 57 -7.23 -21.79 20.51
C THR A 57 -7.31 -20.35 20.99
N SER A 58 -8.42 -20.01 21.64
CA SER A 58 -8.62 -18.70 22.24
C SER A 58 -8.68 -18.84 23.76
N TYR A 59 -8.74 -17.71 24.45
CA TYR A 59 -8.82 -17.70 25.91
C TYR A 59 -9.65 -16.53 26.37
N ASN A 60 -10.23 -16.68 27.56
CA ASN A 60 -10.97 -15.58 28.18
C ASN A 60 -10.01 -14.48 28.59
N GLN A 61 -10.45 -13.23 28.44
CA GLN A 61 -9.58 -12.09 28.72
C GLN A 61 -9.18 -12.04 30.19
N LYS A 62 -10.11 -12.36 31.09
CA LYS A 62 -9.78 -12.45 32.51
C LYS A 62 -8.83 -13.61 32.78
N PHE A 63 -8.88 -14.66 31.96
CA PHE A 63 -8.02 -15.82 32.11
C PHE A 63 -6.89 -15.85 31.08
N LYS A 64 -6.57 -14.71 30.47
CA LYS A 64 -5.46 -14.65 29.54
C LYS A 64 -4.14 -14.78 30.29
N GLY A 65 -3.29 -15.69 29.83
CA GLY A 65 -2.05 -15.98 30.54
C GLY A 65 -2.27 -16.94 31.68
N LYS A 66 -3.43 -16.82 32.34
CA LYS A 66 -3.76 -17.70 33.45
C LYS A 66 -3.94 -19.14 32.98
N ALA A 67 -4.54 -19.33 31.81
CA ALA A 67 -4.88 -20.65 31.31
C ALA A 67 -4.30 -20.87 29.92
N THR A 68 -4.15 -22.15 29.58
CA THR A 68 -3.64 -22.57 28.29
C THR A 68 -4.26 -23.91 27.94
N LEU A 69 -4.45 -24.15 26.65
CA LEU A 69 -5.05 -25.40 26.19
C LEU A 69 -4.13 -26.11 25.21
N THR A 70 -4.24 -27.43 25.19
CA THR A 70 -3.54 -28.29 24.24
C THR A 70 -4.24 -29.63 24.22
N ALA A 71 -4.16 -30.31 23.08
CA ALA A 71 -4.79 -31.61 22.91
C ALA A 71 -3.84 -32.52 22.14
N ASP A 72 -4.11 -33.82 22.21
CA ASP A 72 -3.40 -34.82 21.46
C ASP A 72 -4.37 -35.51 20.51
N LYS A 73 -3.97 -35.64 19.24
CA LYS A 73 -4.86 -36.20 18.24
C LYS A 73 -5.09 -37.69 18.49
N SER A 74 -4.05 -38.42 18.89
CA SER A 74 -4.14 -39.86 19.08
C SER A 74 -4.21 -40.24 20.56
N SER A 75 -4.86 -39.42 21.38
CA SER A 75 -5.05 -39.72 22.79
C SER A 75 -6.50 -39.67 23.26
N SER A 76 -7.39 -38.99 22.53
CA SER A 76 -8.80 -38.88 22.91
C SER A 76 -8.97 -38.31 24.32
N THR A 77 -8.12 -37.35 24.66
CA THR A 77 -8.15 -36.76 25.99
C THR A 77 -7.56 -35.35 25.91
N ALA A 78 -8.24 -34.39 26.54
CA ALA A 78 -7.80 -33.00 26.54
C ALA A 78 -7.70 -32.48 27.97
N TYR A 79 -6.66 -31.72 28.25
CA TYR A 79 -6.39 -31.22 29.60
C TYR A 79 -6.04 -29.74 29.55
N MET A 80 -6.08 -29.13 30.73
CA MET A 80 -5.85 -27.70 30.91
C MET A 80 -4.46 -27.46 31.48
N GLN A 81 -3.80 -26.39 31.02
CA GLN A 81 -2.62 -25.87 31.69
C GLN A 81 -3.03 -24.63 32.49
N PHE A 82 -2.64 -24.59 33.75
CA PHE A 82 -3.03 -23.51 34.64
C PHE A 82 -1.80 -22.83 35.22
N SER A 83 -1.97 -21.58 35.63
CA SER A 83 -0.86 -20.80 36.16
C SER A 83 -1.31 -20.04 37.39
N SER A 84 -0.41 -19.96 38.38
CA SER A 84 -0.63 -19.20 39.61
C SER A 84 -1.94 -19.61 40.30
N LEU A 85 -2.00 -20.87 40.70
CA LEU A 85 -3.18 -21.39 41.38
C LEU A 85 -3.39 -20.62 42.68
N THR A 86 -4.63 -20.19 42.91
CA THR A 86 -4.98 -19.40 44.07
C THR A 86 -6.07 -20.11 44.89
N SER A 87 -6.37 -19.53 46.04
CA SER A 87 -7.41 -20.08 46.92
C SER A 87 -8.81 -19.80 46.38
N GLU A 88 -9.01 -18.69 45.67
CA GLU A 88 -10.31 -18.34 45.13
C GLU A 88 -10.65 -19.11 43.86
N ASP A 89 -9.72 -19.92 43.35
CA ASP A 89 -9.94 -20.71 42.14
C ASP A 89 -10.79 -21.95 42.38
N SER A 90 -11.41 -22.07 43.55
CA SER A 90 -12.22 -23.23 43.87
C SER A 90 -13.54 -23.17 43.10
N ALA A 91 -13.74 -24.12 42.19
CA ALA A 91 -14.94 -24.17 41.37
C ALA A 91 -15.07 -25.57 40.78
N VAL A 92 -16.27 -25.86 40.29
CA VAL A 92 -16.57 -27.16 39.67
C VAL A 92 -16.40 -26.97 38.17
N TYR A 93 -15.19 -27.17 37.69
CA TYR A 93 -14.90 -26.99 36.27
C TYR A 93 -15.55 -28.10 35.45
N TYR A 94 -16.10 -27.73 34.31
CA TYR A 94 -16.86 -28.63 33.44
C TYR A 94 -16.14 -28.82 32.12
N CYS A 95 -16.73 -29.64 31.26
CA CYS A 95 -16.34 -29.76 29.86
C CYS A 95 -17.59 -29.76 28.99
N ALA A 96 -17.51 -29.06 27.87
CA ALA A 96 -18.59 -29.01 26.89
C ALA A 96 -18.01 -29.19 25.50
N ARG A 97 -18.85 -29.67 24.58
CA ARG A 97 -18.42 -29.95 23.22
C ARG A 97 -19.38 -29.29 22.24
N VAL A 98 -18.88 -29.04 21.03
CA VAL A 98 -19.60 -28.34 19.98
C VAL A 98 -19.74 -29.29 18.80
N VAL A 99 -20.98 -29.59 18.40
CA VAL A 99 -21.19 -30.41 17.21
C VAL A 99 -21.30 -29.53 15.97
N ALA A 100 -21.99 -28.41 16.08
CA ALA A 100 -22.22 -27.48 14.99
C ALA A 100 -21.09 -26.44 14.98
N THR A 101 -21.28 -25.37 14.21
CA THR A 101 -20.36 -24.25 14.28
C THR A 101 -20.32 -23.66 15.68
N THR A 102 -21.48 -23.62 16.34
CA THR A 102 -21.59 -23.17 17.73
C THR A 102 -22.60 -24.06 18.43
N ASP A 103 -22.77 -23.79 19.74
CA ASP A 103 -23.68 -24.38 20.74
C ASP A 103 -23.02 -25.58 21.39
N PHE A 104 -23.46 -25.94 22.60
CA PHE A 104 -22.84 -27.00 23.38
C PHE A 104 -23.77 -28.21 23.39
N ASP A 105 -23.44 -29.21 22.56
CA ASP A 105 -24.31 -30.37 22.43
C ASP A 105 -24.31 -31.22 23.70
N TYR A 106 -23.17 -31.35 24.37
CA TYR A 106 -23.04 -32.23 25.52
C TYR A 106 -22.31 -31.52 26.64
N TRP A 107 -22.41 -32.09 27.84
CA TRP A 107 -21.80 -31.53 29.04
C TRP A 107 -21.04 -32.63 29.78
N GLY A 108 -19.99 -32.23 30.47
CA GLY A 108 -19.28 -33.14 31.35
C GLY A 108 -19.90 -33.18 32.74
N GLN A 109 -19.46 -34.17 33.52
CA GLN A 109 -20.03 -34.34 34.86
C GLN A 109 -19.69 -33.17 35.77
N GLY A 110 -18.46 -32.67 35.72
CA GLY A 110 -18.07 -31.54 36.54
C GLY A 110 -17.15 -31.92 37.68
N THR A 111 -15.87 -31.55 37.56
CA THR A 111 -14.87 -31.83 38.58
C THR A 111 -14.61 -30.56 39.38
N THR A 112 -14.70 -30.67 40.70
CA THR A 112 -14.52 -29.55 41.59
C THR A 112 -13.11 -29.55 42.18
N VAL A 113 -12.62 -28.35 42.49
CA VAL A 113 -11.32 -28.16 43.10
C VAL A 113 -11.49 -27.42 44.41
N THR A 114 -10.83 -27.92 45.46
CA THR A 114 -10.92 -27.36 46.81
C THR A 114 -9.52 -26.96 47.23
N VAL A 115 -9.13 -25.73 46.91
CA VAL A 115 -7.78 -25.24 47.17
C VAL A 115 -7.69 -24.91 48.66
N SER A 116 -7.16 -25.84 49.46
CA SER A 116 -7.01 -25.66 50.89
C SER A 116 -5.59 -26.02 51.30
N SER A 117 -5.07 -25.30 52.29
CA SER A 117 -3.73 -25.54 52.80
C SER A 117 -3.64 -25.16 54.27
N TYR B 1 -17.11 -8.44 25.95
CA TYR B 1 -18.01 -9.18 26.83
C TYR B 1 -19.46 -8.75 26.67
N ILE B 2 -20.20 -9.45 25.81
CA ILE B 2 -21.63 -9.20 25.68
C ILE B 2 -22.34 -9.83 26.87
N GLU B 3 -23.34 -9.13 27.42
CA GLU B 3 -24.07 -9.59 28.58
C GLU B 3 -25.51 -9.90 28.18
N ALA B 4 -25.88 -11.18 28.30
CA ALA B 4 -27.27 -11.61 28.10
C ALA B 4 -27.91 -11.77 29.47
N SER B 5 -28.29 -10.65 30.06
CA SER B 5 -28.80 -10.65 31.42
C SER B 5 -30.27 -11.12 31.44
N GLN B 6 -30.76 -11.41 32.64
CA GLN B 6 -32.11 -11.92 32.81
C GLN B 6 -32.83 -11.15 33.90
N SER B 7 -34.16 -11.09 33.77
CA SER B 7 -35.02 -10.41 34.72
C SER B 7 -36.36 -11.13 34.75
N PRO B 8 -36.92 -11.39 35.94
CA PRO B 8 -36.35 -11.04 37.23
C PRO B 8 -35.42 -12.11 37.78
N SER B 9 -34.89 -11.88 38.99
CA SER B 9 -34.03 -12.88 39.62
C SER B 9 -34.78 -14.19 39.84
N SER B 10 -36.05 -14.11 40.20
CA SER B 10 -36.89 -15.29 40.34
C SER B 10 -38.35 -14.87 40.29
N LEU B 11 -39.22 -15.86 40.09
CA LEU B 11 -40.65 -15.63 40.06
C LEU B 11 -41.41 -16.35 41.17
N ALA B 12 -40.96 -17.54 41.58
CA ALA B 12 -41.67 -18.36 42.56
C ALA B 12 -43.11 -18.63 42.11
N VAL B 13 -43.25 -18.96 40.83
CA VAL B 13 -44.57 -19.22 40.26
C VAL B 13 -45.05 -20.59 40.74
N SER B 14 -46.37 -20.70 40.98
CA SER B 14 -46.95 -21.91 41.51
C SER B 14 -47.12 -22.97 40.41
N VAL B 15 -47.28 -24.21 40.84
CA VAL B 15 -47.37 -25.35 39.94
C VAL B 15 -48.77 -25.40 39.34
N GLY B 16 -48.85 -25.50 38.01
CA GLY B 16 -50.11 -25.50 37.31
C GLY B 16 -50.47 -24.21 36.61
N GLU B 17 -49.53 -23.26 36.52
CA GLU B 17 -49.79 -21.99 35.85
C GLU B 17 -48.72 -21.73 34.79
N LYS B 18 -48.74 -20.54 34.21
CA LYS B 18 -47.79 -20.16 33.17
C LYS B 18 -46.66 -19.32 33.75
N VAL B 19 -45.52 -19.34 33.06
CA VAL B 19 -44.36 -18.56 33.46
C VAL B 19 -43.62 -18.12 32.20
N THR B 20 -43.08 -16.91 32.23
CA THR B 20 -42.41 -16.31 31.07
C THR B 20 -41.09 -15.71 31.53
N MET B 21 -39.99 -16.42 31.28
CA MET B 21 -38.66 -15.91 31.56
C MET B 21 -38.20 -15.03 30.40
N SER B 22 -37.32 -14.07 30.70
CA SER B 22 -36.84 -13.13 29.70
C SER B 22 -35.32 -13.02 29.78
N CYS B 23 -34.73 -12.64 28.65
CA CYS B 23 -33.29 -12.45 28.54
C CYS B 23 -33.04 -11.28 27.59
N LYS B 24 -32.36 -10.25 28.10
CA LYS B 24 -32.06 -9.03 27.35
C LYS B 24 -30.55 -8.93 27.16
N SER B 25 -30.14 -8.61 25.94
CA SER B 25 -28.72 -8.54 25.59
C SER B 25 -28.27 -7.10 25.44
N SER B 26 -26.96 -6.91 25.40
CA SER B 26 -26.37 -5.61 25.14
C SER B 26 -26.09 -5.37 23.66
N GLN B 27 -26.29 -6.38 22.82
CA GLN B 27 -26.03 -6.27 21.39
C GLN B 27 -26.81 -7.38 20.69
N SER B 28 -27.34 -7.06 19.51
CA SER B 28 -28.19 -7.99 18.78
C SER B 28 -27.44 -9.28 18.46
N LEU B 29 -28.15 -10.39 18.50
CA LEU B 29 -27.58 -11.71 18.25
C LEU B 29 -28.20 -12.36 17.01
N LEU B 30 -28.60 -11.55 16.04
CA LEU B 30 -29.20 -12.04 14.80
C LEU B 30 -28.23 -11.84 13.66
N TYR B 31 -27.91 -12.92 12.96
CA TYR B 31 -27.03 -12.86 11.79
C TYR B 31 -27.89 -12.64 10.56
N SER B 32 -27.73 -11.48 9.93
CA SER B 32 -28.53 -11.12 8.77
C SER B 32 -28.24 -11.98 7.55
N SER B 33 -27.18 -12.78 7.58
CA SER B 33 -26.86 -13.62 6.42
C SER B 33 -27.72 -14.88 6.41
N ASN B 34 -27.59 -15.72 7.43
CA ASN B 34 -28.33 -16.98 7.51
C ASN B 34 -29.62 -16.89 8.31
N GLN B 35 -29.93 -15.73 8.87
CA GLN B 35 -31.18 -15.48 9.60
C GLN B 35 -31.33 -16.45 10.78
N LYS B 36 -30.33 -16.42 11.67
CA LYS B 36 -30.33 -17.24 12.87
C LYS B 36 -30.11 -16.37 14.09
N ASN B 37 -30.81 -16.69 15.18
CA ASN B 37 -30.64 -16.00 16.45
C ASN B 37 -29.77 -16.85 17.36
N TYR B 38 -28.60 -16.31 17.73
CA TYR B 38 -27.59 -17.07 18.46
C TYR B 38 -27.86 -16.97 19.95
N LEU B 39 -28.80 -17.80 20.43
CA LEU B 39 -29.05 -17.93 21.85
C LEU B 39 -29.48 -19.36 22.14
N ALA B 40 -29.04 -19.88 23.28
CA ALA B 40 -29.45 -21.19 23.74
C ALA B 40 -29.96 -21.08 25.17
N TRP B 41 -30.92 -21.95 25.50
CA TRP B 41 -31.49 -22.02 26.83
C TRP B 41 -31.07 -23.32 27.49
N PHE B 42 -30.48 -23.21 28.68
CA PHE B 42 -29.92 -24.34 29.42
C PHE B 42 -30.61 -24.48 30.77
N GLN B 43 -30.69 -25.74 31.23
CA GLN B 43 -31.34 -26.11 32.49
C GLN B 43 -30.28 -26.65 33.44
N GLN B 44 -30.24 -26.09 34.66
CA GLN B 44 -29.24 -26.45 35.66
C GLN B 44 -29.90 -26.64 37.02
N LYS B 45 -29.84 -27.88 37.56
CA LYS B 45 -30.27 -28.20 38.92
C LYS B 45 -29.06 -28.43 39.81
N PRO B 46 -29.17 -28.16 41.11
CA PRO B 46 -28.02 -28.32 42.01
C PRO B 46 -27.62 -29.78 42.14
N GLY B 47 -26.37 -30.09 41.77
CA GLY B 47 -25.83 -31.42 41.96
C GLY B 47 -25.34 -32.08 40.70
N GLN B 48 -26.02 -31.86 39.58
CA GLN B 48 -25.70 -32.53 38.32
C GLN B 48 -25.35 -31.51 37.25
N SER B 49 -24.84 -32.02 36.13
CA SER B 49 -24.43 -31.15 35.03
C SER B 49 -25.63 -30.49 34.38
N PRO B 50 -25.48 -29.27 33.90
CA PRO B 50 -26.58 -28.61 33.19
C PRO B 50 -26.86 -29.28 31.85
N LYS B 51 -28.09 -29.12 31.37
CA LYS B 51 -28.55 -29.75 30.15
C LYS B 51 -29.11 -28.70 29.20
N LEU B 52 -28.78 -28.82 27.93
CA LEU B 52 -29.31 -27.91 26.92
C LEU B 52 -30.79 -28.21 26.68
N LEU B 53 -31.60 -27.17 26.67
CA LEU B 53 -33.01 -27.28 26.35
C LEU B 53 -33.36 -26.71 24.99
N ILE B 54 -32.84 -25.53 24.65
CA ILE B 54 -33.21 -24.84 23.42
C ILE B 54 -31.96 -24.36 22.72
N TYR B 55 -31.91 -24.57 21.40
CA TYR B 55 -30.84 -24.03 20.56
C TYR B 55 -31.45 -23.20 19.44
N TRP B 56 -30.70 -22.20 18.99
CA TRP B 56 -31.16 -21.14 18.09
C TRP B 56 -32.27 -20.29 18.71
N ALA B 57 -32.49 -20.40 20.02
CA ALA B 57 -33.45 -19.62 20.78
C ALA B 57 -34.89 -19.89 20.37
N SER B 58 -35.09 -20.78 19.39
CA SER B 58 -36.45 -21.09 18.93
C SER B 58 -36.64 -22.57 18.59
N THR B 59 -35.66 -23.42 18.86
CA THR B 59 -35.76 -24.85 18.56
C THR B 59 -35.34 -25.63 19.78
N ARG B 60 -36.06 -26.73 20.05
CA ARG B 60 -35.93 -27.47 21.30
C ARG B 60 -35.02 -28.68 21.13
N GLU B 61 -34.15 -28.89 22.11
CA GLU B 61 -33.27 -30.05 22.13
C GLU B 61 -34.07 -31.34 22.22
N SER B 62 -33.59 -32.38 21.54
CA SER B 62 -34.23 -33.68 21.58
C SER B 62 -34.19 -34.23 23.01
N GLY B 63 -35.25 -34.95 23.39
CA GLY B 63 -35.40 -35.46 24.73
C GLY B 63 -35.98 -34.48 25.72
N VAL B 64 -36.35 -33.29 25.28
CA VAL B 64 -36.96 -32.27 26.14
C VAL B 64 -38.46 -32.27 25.89
N PRO B 65 -39.29 -32.17 26.93
CA PRO B 65 -40.74 -32.14 26.72
C PRO B 65 -41.19 -30.84 26.05
N ASP B 66 -42.48 -30.81 25.71
CA ASP B 66 -43.04 -29.69 24.96
C ASP B 66 -43.35 -28.48 25.82
N ARG B 67 -43.16 -28.57 27.14
CA ARG B 67 -43.54 -27.49 28.03
C ARG B 67 -42.72 -26.23 27.77
N PHE B 68 -41.43 -26.38 27.52
CA PHE B 68 -40.57 -25.24 27.22
C PHE B 68 -40.80 -24.77 25.79
N THR B 69 -41.00 -23.46 25.61
CA THR B 69 -41.14 -22.90 24.27
C THR B 69 -40.39 -21.58 24.20
N GLY B 70 -39.36 -21.54 23.34
CA GLY B 70 -38.59 -20.33 23.18
C GLY B 70 -39.19 -19.39 22.14
N SER B 71 -38.92 -18.10 22.32
CA SER B 71 -39.46 -17.08 21.44
C SER B 71 -38.58 -15.84 21.55
N GLY B 72 -38.93 -14.82 20.77
CA GLY B 72 -38.17 -13.59 20.76
C GLY B 72 -37.15 -13.56 19.63
N SER B 73 -36.51 -12.41 19.49
CA SER B 73 -35.57 -12.19 18.39
C SER B 73 -34.78 -10.93 18.68
N GLY B 74 -33.94 -10.56 17.72
CA GLY B 74 -33.14 -9.35 17.81
C GLY B 74 -32.28 -9.34 19.06
N THR B 75 -32.66 -8.50 20.02
CA THR B 75 -31.98 -8.41 21.30
C THR B 75 -32.74 -9.14 22.40
N ASP B 76 -34.06 -9.20 22.34
CA ASP B 76 -34.89 -9.64 23.45
C ASP B 76 -35.42 -11.04 23.19
N PHE B 77 -35.23 -11.94 24.15
CA PHE B 77 -35.65 -13.33 24.01
C PHE B 77 -36.48 -13.75 25.21
N THR B 78 -37.40 -14.68 25.00
CA THR B 78 -38.31 -15.13 26.03
C THR B 78 -38.41 -16.65 26.02
N LEU B 79 -38.79 -17.20 27.17
CA LEU B 79 -39.02 -18.63 27.31
C LEU B 79 -40.31 -18.83 28.09
N THR B 80 -41.32 -19.41 27.43
CA THR B 80 -42.65 -19.55 27.99
C THR B 80 -42.92 -21.01 28.33
N ILE B 81 -43.46 -21.24 29.53
CA ILE B 81 -43.90 -22.56 29.98
C ILE B 81 -45.36 -22.43 30.39
N SER B 82 -46.18 -23.37 29.92
CA SER B 82 -47.62 -23.31 30.16
C SER B 82 -48.04 -23.98 31.46
N SER B 83 -47.32 -25.00 31.91
CA SER B 83 -47.67 -25.71 33.14
C SER B 83 -46.40 -26.34 33.71
N VAL B 84 -45.85 -25.70 34.74
CA VAL B 84 -44.58 -26.16 35.30
C VAL B 84 -44.83 -27.32 36.26
N LYS B 85 -43.80 -28.11 36.48
CA LYS B 85 -43.82 -29.21 37.45
C LYS B 85 -42.91 -28.88 38.62
N ALA B 86 -43.26 -29.40 39.79
CA ALA B 86 -42.47 -29.15 41.00
C ALA B 86 -41.06 -29.71 40.92
N GLU B 87 -40.79 -30.58 39.96
CA GLU B 87 -39.44 -31.11 39.72
C GLU B 87 -38.61 -30.22 38.82
N ASP B 88 -39.14 -29.07 38.39
CA ASP B 88 -38.44 -28.18 37.49
C ASP B 88 -37.67 -27.08 38.22
N LEU B 89 -37.56 -27.17 39.55
CA LEU B 89 -36.76 -26.21 40.31
C LEU B 89 -35.32 -26.22 39.80
N ALA B 90 -34.90 -25.13 39.19
CA ALA B 90 -33.60 -25.05 38.54
C ALA B 90 -33.33 -23.58 38.21
N VAL B 91 -32.09 -23.30 37.82
CA VAL B 91 -31.69 -21.98 37.35
C VAL B 91 -31.40 -22.08 35.86
N TYR B 92 -32.20 -21.38 35.06
CA TYR B 92 -32.11 -21.46 33.61
C TYR B 92 -31.20 -20.37 33.09
N TYR B 93 -30.33 -20.72 32.15
CA TYR B 93 -29.32 -19.80 31.63
C TYR B 93 -29.56 -19.55 30.14
N CYS B 94 -29.52 -18.27 29.75
CA CYS B 94 -29.55 -17.90 28.34
C CYS B 94 -28.11 -17.66 27.91
N GLN B 95 -27.53 -18.65 27.25
CA GLN B 95 -26.13 -18.64 26.82
C GLN B 95 -26.03 -18.11 25.40
N GLN B 96 -25.12 -17.17 25.18
CA GLN B 96 -24.86 -16.62 23.86
C GLN B 96 -23.64 -17.31 23.26
N TYR B 97 -23.68 -17.52 21.95
CA TYR B 97 -22.54 -18.00 21.19
C TYR B 97 -22.27 -17.15 19.97
N TYR B 98 -22.62 -15.86 20.02
CA TYR B 98 -22.41 -14.98 18.88
C TYR B 98 -20.93 -14.69 18.66
N SER B 99 -20.21 -14.35 19.72
CA SER B 99 -18.82 -13.93 19.61
C SER B 99 -18.09 -14.30 20.88
N TYR B 100 -16.88 -13.77 21.03
CA TYR B 100 -15.92 -13.97 22.12
C TYR B 100 -15.93 -12.79 23.08
N PRO B 101 -15.77 -13.05 24.39
CA PRO B 101 -15.74 -14.41 24.94
C PRO B 101 -17.15 -14.94 25.17
N TYR B 102 -17.30 -16.26 25.26
CA TYR B 102 -18.60 -16.84 25.56
C TYR B 102 -19.05 -16.35 26.94
N THR B 103 -20.27 -15.82 27.01
CA THR B 103 -20.81 -15.30 28.25
C THR B 103 -22.16 -15.93 28.51
N PHE B 104 -22.31 -16.53 29.68
CA PHE B 104 -23.56 -17.18 30.08
C PHE B 104 -24.45 -16.18 30.79
N GLY B 105 -25.74 -16.52 30.85
CA GLY B 105 -26.72 -15.61 31.43
C GLY B 105 -26.61 -15.55 32.94
N GLY B 106 -27.36 -14.60 33.51
CA GLY B 106 -27.37 -14.41 34.95
C GLY B 106 -28.19 -15.42 35.72
N GLY B 107 -28.97 -16.25 35.02
CA GLY B 107 -29.78 -17.26 35.68
C GLY B 107 -31.05 -16.70 36.28
N THR B 108 -31.88 -17.61 36.78
CA THR B 108 -33.11 -17.24 37.47
C THR B 108 -33.53 -18.40 38.37
N LYS B 109 -33.51 -18.16 39.67
CA LYS B 109 -33.84 -19.20 40.65
C LYS B 109 -35.35 -19.48 40.63
N LEU B 110 -35.73 -20.57 41.28
CA LEU B 110 -37.13 -20.93 41.48
C LEU B 110 -37.35 -21.16 42.96
N LYS B 111 -38.12 -20.28 43.60
CA LYS B 111 -38.37 -20.37 45.02
C LYS B 111 -39.62 -21.20 45.29
N ILE B 112 -40.09 -21.18 46.54
CA ILE B 112 -41.22 -21.99 46.97
C ILE B 112 -42.37 -21.05 47.31
N LYS B 113 -43.40 -21.03 46.46
CA LYS B 113 -44.63 -20.30 46.73
C LYS B 113 -45.81 -21.12 46.22
N ARG B 114 -46.34 -21.97 47.09
CA ARG B 114 -47.54 -22.75 46.79
C ARG B 114 -48.41 -22.86 48.05
N ALA C 10 -13.09 10.41 -30.00
CA ALA C 10 -12.39 11.64 -29.63
C ALA C 10 -11.01 11.34 -29.10
N VAL C 11 -10.41 12.33 -28.42
CA VAL C 11 -9.10 12.20 -27.80
C VAL C 11 -9.24 12.62 -26.35
N ALA C 12 -8.98 11.69 -25.42
CA ALA C 12 -8.62 10.33 -25.75
C ALA C 12 -9.58 9.36 -25.06
N ARG C 13 -10.60 8.92 -25.78
CA ARG C 13 -11.65 8.11 -25.21
C ARG C 13 -11.14 6.72 -24.84
N VAL C 14 -11.60 6.21 -23.70
CA VAL C 14 -11.20 4.88 -23.23
C VAL C 14 -11.80 3.82 -24.13
N ALA C 15 -11.27 2.60 -24.04
CA ALA C 15 -11.64 1.55 -24.97
C ALA C 15 -13.07 1.06 -24.73
N ASP C 16 -13.65 0.47 -25.76
CA ASP C 16 -14.97 -0.13 -25.70
C ASP C 16 -14.88 -1.59 -25.27
N THR C 17 -16.04 -2.08 -24.83
CA THR C 17 -16.16 -3.52 -24.49
C THR C 17 -16.85 -4.16 -25.68
N MET C 18 -16.10 -4.90 -26.48
CA MET C 18 -16.68 -5.57 -27.67
C MET C 18 -17.60 -6.69 -27.16
N PRO C 19 -18.72 -6.98 -27.85
CA PRO C 19 -19.60 -8.02 -27.39
C PRO C 19 -18.90 -9.38 -27.52
N THR C 20 -19.04 -10.25 -26.52
CA THR C 20 -18.44 -11.61 -26.58
C THR C 20 -19.49 -12.61 -26.14
N GLY C 21 -19.38 -13.87 -26.57
CA GLY C 21 -20.33 -14.90 -26.18
C GLY C 21 -19.67 -16.08 -25.49
N PRO C 22 -20.33 -17.23 -25.51
CA PRO C 22 -19.75 -18.42 -24.88
C PRO C 22 -18.73 -19.08 -25.79
N ARG C 23 -17.72 -19.70 -25.16
CA ARG C 23 -16.66 -20.32 -25.94
C ARG C 23 -16.03 -21.46 -25.15
N ASN C 24 -15.35 -22.34 -25.89
CA ASN C 24 -14.69 -23.52 -25.35
C ASN C 24 -13.44 -23.74 -26.21
N THR C 25 -12.33 -23.15 -25.80
CA THR C 25 -11.15 -23.05 -26.64
C THR C 25 -9.92 -23.52 -25.88
N GLU C 26 -8.84 -23.72 -26.64
CA GLU C 26 -7.54 -24.06 -26.08
C GLU C 26 -6.66 -22.83 -25.87
N SER C 27 -7.17 -21.64 -26.15
CA SER C 27 -6.43 -20.40 -25.97
C SER C 27 -6.99 -19.69 -24.75
N VAL C 28 -6.38 -19.94 -23.60
CA VAL C 28 -6.84 -19.36 -22.33
C VAL C 28 -6.02 -18.10 -22.05
N PRO C 29 -6.64 -16.92 -22.01
CA PRO C 29 -5.90 -15.70 -21.67
C PRO C 29 -5.96 -15.33 -20.19
N ALA C 30 -6.74 -16.05 -19.38
CA ALA C 30 -6.80 -15.75 -17.96
C ALA C 30 -5.54 -16.20 -17.24
N LEU C 31 -4.83 -17.18 -17.77
CA LEU C 31 -3.59 -17.66 -17.17
C LEU C 31 -2.41 -16.95 -17.82
N THR C 32 -1.54 -16.39 -16.98
CA THR C 32 -0.37 -15.65 -17.44
C THR C 32 0.81 -16.02 -16.54
N ALA C 33 1.86 -15.22 -16.60
CA ALA C 33 3.03 -15.42 -15.75
C ALA C 33 3.61 -14.05 -15.42
N VAL C 34 3.45 -13.60 -14.18
CA VAL C 34 3.98 -12.30 -13.76
C VAL C 34 5.46 -12.35 -13.48
N GLU C 35 6.09 -13.53 -13.55
CA GLU C 35 7.52 -13.65 -13.30
C GLU C 35 8.34 -12.95 -14.35
N THR C 36 7.75 -12.56 -15.47
CA THR C 36 8.44 -11.86 -16.53
C THR C 36 8.39 -10.35 -16.39
N GLY C 37 7.80 -9.84 -15.32
CA GLY C 37 7.64 -8.40 -15.16
C GLY C 37 6.70 -7.79 -16.17
N HIS C 38 5.65 -8.51 -16.55
CA HIS C 38 4.73 -8.09 -17.59
C HIS C 38 3.32 -8.04 -17.00
N THR C 39 2.72 -6.85 -17.00
CA THR C 39 1.36 -6.69 -16.52
C THR C 39 0.39 -7.27 -17.52
N SER C 40 -0.55 -8.09 -17.04
CA SER C 40 -1.49 -8.76 -17.93
C SER C 40 -2.38 -7.74 -18.63
N GLN C 41 -2.55 -7.94 -19.93
CA GLN C 41 -3.38 -7.04 -20.75
C GLN C 41 -4.73 -7.64 -21.07
N VAL C 42 -5.31 -8.36 -20.11
CA VAL C 42 -6.61 -8.98 -20.30
C VAL C 42 -7.71 -7.93 -20.17
N VAL C 43 -8.89 -8.26 -20.67
CA VAL C 43 -10.07 -7.42 -20.54
C VAL C 43 -11.22 -8.27 -20.02
N PRO C 44 -12.28 -7.65 -19.50
CA PRO C 44 -13.39 -8.45 -18.93
C PRO C 44 -14.00 -9.42 -19.91
N GLY C 45 -13.98 -9.12 -21.21
CA GLY C 45 -14.56 -10.01 -22.19
C GLY C 45 -13.86 -11.36 -22.30
N ASP C 46 -12.64 -11.47 -21.79
CA ASP C 46 -11.88 -12.71 -21.87
C ASP C 46 -12.21 -13.69 -20.77
N THR C 47 -12.97 -13.29 -19.76
CA THR C 47 -13.30 -14.18 -18.66
C THR C 47 -14.80 -14.36 -18.45
N MET C 48 -15.63 -13.70 -19.25
CA MET C 48 -17.08 -13.82 -19.11
C MET C 48 -17.73 -13.31 -20.39
N GLN C 49 -18.99 -13.67 -20.56
CA GLN C 49 -19.78 -13.09 -21.64
C GLN C 49 -20.10 -11.64 -21.32
N THR C 50 -19.99 -10.78 -22.33
CA THR C 50 -20.21 -9.32 -22.15
C THR C 50 -21.14 -8.75 -23.22
N ARG C 51 -21.45 -7.46 -23.14
CA ARG C 51 -22.35 -6.79 -24.12
C ARG C 51 -21.59 -5.67 -24.79
N HIS C 52 -22.07 -5.21 -25.93
CA HIS C 52 -21.40 -4.07 -26.59
C HIS C 52 -21.85 -2.76 -25.97
N VAL C 53 -20.96 -2.08 -25.24
CA VAL C 53 -21.26 -0.73 -24.77
C VAL C 53 -20.29 0.22 -25.46
N LYS C 54 -20.81 1.37 -25.88
CA LYS C 54 -20.00 2.43 -26.48
C LYS C 54 -19.55 3.35 -25.36
N ASN C 55 -18.28 3.24 -24.97
CA ASN C 55 -17.75 3.97 -23.83
C ASN C 55 -17.30 5.35 -24.29
N TYR C 56 -17.97 6.39 -23.81
CA TYR C 56 -17.64 7.76 -24.14
C TYR C 56 -16.76 8.44 -23.09
N HIS C 57 -16.32 7.71 -22.07
CA HIS C 57 -15.46 8.29 -21.05
C HIS C 57 -14.10 8.64 -21.63
N SER C 58 -13.45 9.62 -21.02
CA SER C 58 -12.16 10.12 -21.47
C SER C 58 -11.23 10.29 -20.28
N ARG C 59 -9.93 10.27 -20.57
CA ARG C 59 -8.88 10.43 -19.56
C ARG C 59 -8.27 11.82 -19.61
N THR C 60 -9.07 12.85 -19.87
CA THR C 60 -8.52 14.18 -20.04
C THR C 60 -8.05 14.79 -18.71
N GLU C 61 -8.63 14.36 -17.59
CA GLU C 61 -8.31 15.02 -16.29
C GLU C 61 -7.20 14.30 -15.56
N SER C 62 -6.69 13.20 -16.11
CA SER C 62 -5.62 12.46 -15.46
C SER C 62 -4.26 12.68 -16.11
N SER C 63 -4.17 13.57 -17.09
CA SER C 63 -2.90 13.84 -17.75
C SER C 63 -1.99 14.64 -16.82
N ILE C 64 -0.69 14.62 -17.16
CA ILE C 64 0.30 15.29 -16.31
C ILE C 64 0.08 16.80 -16.31
N GLU C 65 -0.16 17.38 -17.48
CA GLU C 65 -0.40 18.82 -17.55
C GLU C 65 -1.65 19.22 -16.80
N ASN C 66 -2.64 18.32 -16.72
CA ASN C 66 -3.83 18.60 -15.94
C ASN C 66 -3.69 18.20 -14.48
N PHE C 67 -2.78 17.29 -14.17
CA PHE C 67 -2.54 16.90 -12.79
C PHE C 67 -1.73 17.93 -12.03
N LEU C 68 -0.76 18.58 -12.69
CA LEU C 68 0.16 19.45 -11.97
C LEU C 68 -0.12 20.93 -12.14
N CYS C 69 -0.84 21.34 -13.19
CA CYS C 69 -1.07 22.77 -13.45
C CYS C 69 -2.19 23.29 -12.54
N ARG C 70 -1.89 23.33 -11.24
CA ARG C 70 -2.78 23.88 -10.23
C ARG C 70 -1.92 24.53 -9.17
N ALA C 71 -2.14 25.82 -8.91
CA ALA C 71 -1.28 26.57 -8.02
C ALA C 71 -1.37 26.03 -6.59
N ALA C 72 -0.22 25.91 -5.94
CA ALA C 72 -0.14 25.40 -4.58
C ALA C 72 0.87 26.21 -3.79
N CYS C 73 0.58 26.43 -2.52
CA CYS C 73 1.46 27.23 -1.66
C CYS C 73 2.78 26.51 -1.45
N VAL C 74 3.87 27.28 -1.41
CA VAL C 74 5.19 26.69 -1.21
C VAL C 74 5.91 27.37 -0.05
N TYR C 75 5.54 28.61 0.28
CA TYR C 75 6.20 29.30 1.36
C TYR C 75 5.28 30.36 1.95
N ILE C 76 5.40 30.53 3.27
CA ILE C 76 4.74 31.58 4.03
C ILE C 76 5.81 32.32 4.83
N ALA C 77 5.92 33.63 4.62
CA ALA C 77 6.94 34.44 5.28
C ALA C 77 6.28 35.66 5.91
N THR C 78 6.94 36.21 6.92
CA THR C 78 6.42 37.38 7.62
C THR C 78 7.51 38.41 7.83
N TYR C 79 7.13 39.68 7.82
CA TYR C 79 8.09 40.76 8.02
C TYR C 79 7.38 41.98 8.56
N LYS C 80 8.08 42.73 9.41
CA LYS C 80 7.55 43.91 10.06
C LYS C 80 7.96 45.16 9.30
N SER C 81 7.22 46.25 9.52
CA SER C 81 7.39 47.46 8.74
C SER C 81 8.06 48.61 9.48
N ALA C 82 8.04 48.61 10.82
CA ALA C 82 8.45 49.79 11.56
C ALA C 82 9.93 49.78 11.95
N GLY C 83 10.34 48.81 12.75
CA GLY C 83 11.72 48.79 13.20
C GLY C 83 11.94 47.79 14.32
N GLY C 84 13.18 47.77 14.79
CA GLY C 84 13.60 46.85 15.82
C GLY C 84 14.16 45.56 15.24
N THR C 85 15.44 45.27 15.50
CA THR C 85 16.11 44.07 14.99
C THR C 85 15.95 43.99 13.48
N PRO C 86 16.76 44.74 12.71
CA PRO C 86 16.53 44.87 11.26
C PRO C 86 16.26 43.57 10.51
N THR C 87 16.74 42.44 11.05
CA THR C 87 16.46 41.15 10.42
C THR C 87 14.97 40.88 10.36
N GLU C 88 14.19 41.49 11.25
CA GLU C 88 12.74 41.33 11.26
C GLU C 88 12.02 42.29 10.33
N ARG C 89 12.75 43.16 9.62
CA ARG C 89 12.12 44.13 8.74
C ARG C 89 12.05 43.65 7.29
N TYR C 90 12.47 42.43 7.01
CA TYR C 90 12.40 41.86 5.68
C TYR C 90 12.37 40.35 5.80
N ALA C 91 11.95 39.69 4.73
CA ALA C 91 11.92 38.23 4.70
C ALA C 91 12.72 37.72 3.52
N SER C 92 13.32 36.55 3.69
CA SER C 92 14.10 35.92 2.65
C SER C 92 13.76 34.44 2.58
N TRP C 93 13.99 33.85 1.41
CA TRP C 93 13.67 32.45 1.20
C TRP C 93 14.57 31.88 0.12
N ARG C 94 15.19 30.75 0.42
CA ARG C 94 15.89 29.95 -0.58
C ARG C 94 14.87 29.04 -1.25
N ILE C 95 14.77 29.14 -2.57
CA ILE C 95 13.64 28.55 -3.29
C ILE C 95 13.71 27.03 -3.19
N ASN C 96 12.61 26.43 -2.71
CA ASN C 96 12.45 25.00 -2.58
C ASN C 96 11.09 24.59 -3.14
N THR C 97 10.87 23.28 -3.17
CA THR C 97 9.53 22.72 -3.24
C THR C 97 9.32 21.69 -2.15
N ARG C 98 10.19 21.67 -1.14
CA ARG C 98 10.19 20.64 -0.11
C ARG C 98 9.69 21.15 1.23
N GLN C 99 9.11 22.34 1.29
CA GLN C 99 8.64 22.88 2.56
C GLN C 99 7.14 22.70 2.77
N MET C 100 6.38 22.47 1.71
CA MET C 100 4.97 22.15 1.80
C MET C 100 4.75 20.72 1.30
N VAL C 101 4.13 19.89 2.13
CA VAL C 101 4.13 18.45 1.89
C VAL C 101 3.29 18.09 0.66
N GLN C 102 2.23 18.84 0.37
CA GLN C 102 1.30 18.44 -0.68
C GLN C 102 1.96 18.50 -2.05
N LEU C 103 2.41 19.69 -2.46
CA LEU C 103 3.12 19.80 -3.73
C LEU C 103 4.42 19.02 -3.71
N ARG C 104 5.04 18.85 -2.55
CA ARG C 104 6.25 18.05 -2.48
C ARG C 104 5.99 16.61 -2.90
N ARG C 105 4.94 16.00 -2.34
CA ARG C 105 4.60 14.63 -2.73
C ARG C 105 4.16 14.56 -4.19
N LYS C 106 3.36 15.55 -4.63
CA LYS C 106 2.92 15.56 -6.02
C LYS C 106 4.10 15.58 -6.98
N PHE C 107 5.10 16.41 -6.68
CA PHE C 107 6.30 16.46 -7.51
C PHE C 107 7.12 15.19 -7.36
N GLU C 108 7.15 14.61 -6.16
CA GLU C 108 7.98 13.43 -5.90
C GLU C 108 7.38 12.16 -6.48
N LEU C 109 6.17 12.22 -7.04
CA LEU C 109 5.69 11.09 -7.83
C LEU C 109 6.59 10.77 -9.02
N PHE C 110 7.37 11.74 -9.51
CA PHE C 110 8.20 11.55 -10.69
C PHE C 110 9.66 11.82 -10.37
N THR C 111 10.55 11.05 -11.02
CA THR C 111 11.98 11.23 -10.78
C THR C 111 12.50 12.49 -11.46
N TYR C 112 12.08 12.75 -12.70
CA TYR C 112 12.56 13.93 -13.41
C TYR C 112 11.39 14.74 -13.92
N LEU C 113 11.54 16.07 -13.87
CA LEU C 113 10.50 16.99 -14.34
C LEU C 113 11.14 18.11 -15.15
N ARG C 114 10.36 18.67 -16.06
CA ARG C 114 10.81 19.84 -16.83
C ARG C 114 9.58 20.66 -17.20
N PHE C 115 9.53 21.91 -16.75
CA PHE C 115 8.34 22.71 -16.96
C PHE C 115 8.67 24.19 -16.83
N ASP C 116 7.79 25.01 -17.37
CA ASP C 116 7.75 26.44 -17.06
C ASP C 116 6.91 26.67 -15.82
N MET C 117 7.14 27.78 -15.14
CA MET C 117 6.49 28.07 -13.88
C MET C 117 5.70 29.36 -13.99
N GLU C 118 4.58 29.43 -13.28
CA GLU C 118 3.84 30.66 -13.09
C GLU C 118 3.79 30.93 -11.59
N ILE C 119 4.32 32.07 -11.17
CA ILE C 119 4.52 32.36 -9.76
C ILE C 119 3.57 33.48 -9.35
N THR C 120 2.83 33.24 -8.27
CA THR C 120 1.88 34.20 -7.72
C THR C 120 2.28 34.52 -6.29
N PHE C 121 2.16 35.80 -5.94
CA PHE C 121 2.47 36.28 -4.60
C PHE C 121 1.23 36.92 -4.01
N VAL C 122 0.84 36.46 -2.82
CA VAL C 122 -0.30 36.98 -2.09
C VAL C 122 0.21 37.59 -0.79
N ILE C 123 0.05 38.89 -0.64
CA ILE C 123 0.60 39.62 0.51
C ILE C 123 -0.57 40.20 1.30
N THR C 124 -0.64 39.85 2.58
CA THR C 124 -1.71 40.33 3.46
C THR C 124 -1.07 40.96 4.69
N SER C 125 -1.45 42.19 4.99
CA SER C 125 -0.89 42.94 6.12
C SER C 125 -1.93 43.10 7.21
N THR C 126 -1.46 43.57 8.36
CA THR C 126 -2.30 43.82 9.52
C THR C 126 -1.66 44.94 10.33
N GLN C 127 -2.35 45.35 11.40
CA GLN C 127 -1.86 46.40 12.29
C GLN C 127 -1.43 45.76 13.60
N ASP C 128 -0.20 46.01 14.00
CA ASP C 128 0.31 45.45 15.23
C ASP C 128 -0.18 46.25 16.44
N PRO C 129 -0.32 45.60 17.58
CA PRO C 129 -0.76 46.31 18.79
C PRO C 129 0.40 47.06 19.44
N GLY C 130 0.06 47.81 20.48
CA GLY C 130 1.02 48.55 21.27
C GLY C 130 0.65 50.01 21.38
N THR C 131 1.53 50.75 22.06
CA THR C 131 1.33 52.18 22.18
C THR C 131 1.76 52.90 20.91
N GLN C 132 1.24 54.11 20.72
CA GLN C 132 1.54 54.94 19.56
C GLN C 132 1.13 54.24 18.25
N LEU C 133 -0.18 54.07 18.10
CA LEU C 133 -0.73 53.52 16.87
C LEU C 133 -0.94 54.62 15.84
N ALA C 134 -1.06 54.22 14.57
CA ALA C 134 -1.08 55.17 13.47
C ALA C 134 -2.38 55.96 13.44
N GLN C 135 -3.51 55.27 13.56
CA GLN C 135 -4.87 55.84 13.56
C GLN C 135 -5.28 56.33 12.17
N ASP C 136 -4.32 56.40 11.24
CA ASP C 136 -4.59 56.67 9.84
C ASP C 136 -3.30 56.46 9.04
N MET C 137 -3.35 55.68 7.96
CA MET C 137 -2.13 55.48 7.19
C MET C 137 -2.49 55.17 5.75
N PRO C 138 -1.71 55.66 4.79
CA PRO C 138 -1.95 55.31 3.39
C PRO C 138 -1.73 53.83 3.09
N VAL C 139 -1.95 53.44 1.84
CA VAL C 139 -1.78 52.05 1.45
C VAL C 139 -0.31 51.68 1.48
N LEU C 140 -0.04 50.40 1.69
CA LEU C 140 1.33 49.88 1.79
C LEU C 140 1.78 49.35 0.44
N THR C 141 3.03 49.64 0.10
CA THR C 141 3.66 49.13 -1.12
C THR C 141 4.79 48.18 -0.71
N HIS C 142 4.78 46.99 -1.28
CA HIS C 142 5.76 45.96 -0.99
C HIS C 142 6.67 45.75 -2.21
N GLN C 143 7.88 45.27 -1.95
CA GLN C 143 8.81 44.92 -3.00
C GLN C 143 9.27 43.49 -2.83
N ILE C 144 9.21 42.73 -3.93
CA ILE C 144 9.74 41.37 -3.99
C ILE C 144 10.89 41.38 -4.99
N MET C 145 12.07 40.98 -4.55
CA MET C 145 13.25 40.97 -5.41
C MET C 145 13.86 39.57 -5.42
N TYR C 146 14.15 39.06 -6.61
CA TYR C 146 14.72 37.74 -6.79
C TYR C 146 16.19 37.88 -7.16
N ILE C 147 17.07 37.25 -6.38
CA ILE C 147 18.52 37.32 -6.55
C ILE C 147 18.99 35.97 -7.06
N PRO C 148 19.50 35.88 -8.29
CA PRO C 148 20.11 34.64 -8.77
C PRO C 148 21.33 34.30 -7.94
N PRO C 149 21.80 33.04 -7.99
CA PRO C 149 22.91 32.65 -7.12
C PRO C 149 24.20 33.42 -7.38
N GLY C 150 24.61 34.24 -6.42
CA GLY C 150 25.84 34.97 -6.54
C GLY C 150 25.73 36.44 -6.22
N GLY C 151 24.58 37.03 -6.54
CA GLY C 151 24.38 38.45 -6.40
C GLY C 151 24.34 38.90 -4.94
N PRO C 152 24.46 40.19 -4.71
CA PRO C 152 24.42 40.70 -3.34
C PRO C 152 23.05 40.51 -2.69
N VAL C 153 23.05 40.30 -1.39
CA VAL C 153 21.82 40.07 -0.65
C VAL C 153 21.62 41.19 0.36
N PRO C 154 20.42 41.77 0.44
CA PRO C 154 20.20 42.90 1.35
C PRO C 154 20.38 42.50 2.81
N ASN C 155 20.87 43.46 3.59
CA ASN C 155 21.05 43.29 5.03
C ASN C 155 20.07 44.14 5.83
N SER C 156 19.23 44.93 5.18
CA SER C 156 18.25 45.75 5.87
C SER C 156 17.18 46.15 4.86
N ALA C 157 16.06 46.67 5.38
CA ALA C 157 15.03 47.20 4.49
C ALA C 157 15.55 48.39 3.71
N THR C 158 16.31 49.26 4.36
CA THR C 158 16.92 50.43 3.72
C THR C 158 18.36 50.11 3.37
N ASP C 159 18.55 49.43 2.24
CA ASP C 159 19.86 48.98 1.81
C ASP C 159 20.03 49.28 0.33
N PHE C 160 21.28 49.45 -0.09
CA PHE C 160 21.56 49.76 -1.49
C PHE C 160 21.25 48.60 -2.40
N ALA C 161 21.19 47.37 -1.89
CA ALA C 161 21.00 46.22 -2.75
C ALA C 161 19.60 46.14 -3.34
N TRP C 162 18.70 47.03 -2.95
CA TRP C 162 17.32 46.98 -3.39
C TRP C 162 17.07 47.76 -4.68
N GLN C 163 18.10 48.38 -5.26
CA GLN C 163 17.90 49.06 -6.54
C GLN C 163 17.48 48.09 -7.63
N SER C 164 18.07 46.89 -7.62
CA SER C 164 17.77 45.83 -8.58
C SER C 164 17.97 46.33 -10.01
N SER C 165 19.21 46.70 -10.31
CA SER C 165 19.54 47.16 -11.65
C SER C 165 19.37 46.05 -12.68
N THR C 166 19.58 44.79 -12.28
CA THR C 166 19.42 43.67 -13.20
C THR C 166 18.53 42.58 -12.61
N ASN C 167 18.50 42.48 -11.30
CA ASN C 167 17.60 41.53 -10.65
C ASN C 167 16.16 41.94 -10.89
N PRO C 168 15.30 41.05 -11.38
CA PRO C 168 13.89 41.39 -11.52
C PRO C 168 13.24 41.65 -10.18
N SER C 169 12.21 42.51 -10.18
CA SER C 169 11.52 42.86 -8.96
C SER C 169 10.05 43.16 -9.27
N ILE C 170 9.21 43.01 -8.26
CA ILE C 170 7.82 43.45 -8.29
C ILE C 170 7.66 44.52 -7.23
N PHE C 171 7.07 45.65 -7.64
CA PHE C 171 6.55 46.65 -6.71
C PHE C 171 5.03 46.51 -6.73
N TRP C 172 4.46 46.07 -5.62
CA TRP C 172 3.05 45.72 -5.57
C TRP C 172 2.35 46.54 -4.50
N THR C 173 1.20 47.12 -4.84
CA THR C 173 0.43 47.95 -3.94
C THR C 173 -0.82 47.19 -3.47
N GLU C 174 -1.12 47.32 -2.18
CA GLU C 174 -2.26 46.61 -1.60
C GLU C 174 -3.57 47.10 -2.19
N GLY C 175 -4.56 46.21 -2.20
CA GLY C 175 -5.83 46.49 -2.82
C GLY C 175 -5.94 46.04 -4.27
N CYS C 176 -4.86 45.50 -4.84
CA CYS C 176 -4.83 45.04 -6.21
C CYS C 176 -4.82 43.51 -6.24
N ALA C 177 -4.82 42.96 -7.45
CA ALA C 177 -4.74 41.52 -7.62
C ALA C 177 -3.37 41.01 -7.17
N PRO C 178 -3.27 39.74 -6.77
CA PRO C 178 -1.96 39.22 -6.35
C PRO C 178 -0.95 39.30 -7.47
N ALA C 179 0.31 39.52 -7.10
CA ALA C 179 1.33 39.70 -8.12
C ALA C 179 1.60 38.38 -8.83
N ARG C 180 2.00 38.46 -10.10
CA ARG C 180 2.15 37.23 -10.88
C ARG C 180 3.15 37.42 -11.99
N MET C 181 3.88 36.35 -12.29
CA MET C 181 4.75 36.31 -13.46
C MET C 181 4.87 34.88 -13.99
N SER C 182 5.62 34.75 -15.08
CA SER C 182 5.97 33.48 -15.69
C SER C 182 7.48 33.37 -15.77
N VAL C 183 8.00 32.16 -15.57
CA VAL C 183 9.43 31.88 -15.54
C VAL C 183 9.72 30.67 -16.43
N PRO C 184 10.75 30.72 -17.26
CA PRO C 184 11.06 29.56 -18.12
C PRO C 184 11.74 28.43 -17.34
N PHE C 185 12.17 27.40 -18.05
CA PHE C 185 12.90 26.29 -17.44
C PHE C 185 14.34 26.75 -17.21
N ILE C 186 14.63 27.19 -15.99
CA ILE C 186 15.89 27.88 -15.69
C ILE C 186 16.90 26.94 -15.04
N SER C 187 16.81 25.64 -15.28
CA SER C 187 17.73 24.72 -14.67
C SER C 187 19.02 24.62 -15.48
N ILE C 188 20.04 24.04 -14.84
CA ILE C 188 21.33 23.84 -15.50
C ILE C 188 21.30 22.57 -16.35
N GLY C 189 20.72 21.49 -15.81
CA GLY C 189 20.60 20.26 -16.53
C GLY C 189 19.41 20.25 -17.46
N ASN C 190 19.22 19.11 -18.12
CA ASN C 190 18.15 18.98 -19.09
C ASN C 190 16.80 18.69 -18.46
N ALA C 191 16.74 18.56 -17.13
CA ALA C 191 15.48 18.39 -16.42
C ALA C 191 15.73 18.70 -14.95
N TYR C 192 14.64 18.94 -14.23
CA TYR C 192 14.71 19.10 -12.78
C TYR C 192 14.83 17.73 -12.13
N SER C 193 15.82 17.58 -11.26
CA SER C 193 16.06 16.32 -10.57
C SER C 193 15.40 16.37 -9.20
N ASN C 194 14.30 15.63 -9.04
CA ASN C 194 13.65 15.56 -7.74
C ASN C 194 14.47 14.74 -6.75
N PHE C 195 15.26 13.81 -7.25
CA PHE C 195 16.06 12.92 -6.41
C PHE C 195 17.49 12.89 -6.92
N TYR C 196 18.40 12.53 -6.02
CA TYR C 196 19.81 12.46 -6.35
C TYR C 196 20.46 11.47 -5.39
N ASP C 197 20.84 10.30 -5.90
CA ASP C 197 21.57 9.33 -5.09
C ASP C 197 23.06 9.56 -5.33
N GLY C 198 23.58 10.58 -4.65
CA GLY C 198 24.97 10.93 -4.84
C GLY C 198 25.41 11.98 -3.85
N TRP C 199 26.64 12.44 -4.05
CA TRP C 199 27.27 13.39 -3.16
C TRP C 199 27.65 14.66 -3.92
N SER C 200 28.16 15.64 -3.19
CA SER C 200 28.65 16.88 -3.78
C SER C 200 30.10 16.80 -4.18
N HIS C 201 30.93 16.15 -3.36
CA HIS C 201 32.35 16.00 -3.64
C HIS C 201 32.62 14.66 -4.32
N PHE C 202 33.77 14.59 -4.99
CA PHE C 202 34.16 13.39 -5.71
C PHE C 202 34.74 12.32 -4.81
N THR C 203 35.09 12.65 -3.57
CA THR C 203 35.57 11.67 -2.60
C THR C 203 34.44 11.05 -1.80
N GLN C 204 33.19 11.22 -2.25
CA GLN C 204 32.02 10.70 -1.57
C GLN C 204 31.92 11.21 -0.13
N GLU C 205 31.76 12.52 0.01
CA GLU C 205 31.56 13.15 1.30
C GLU C 205 30.95 14.52 1.08
N GLY C 206 30.57 15.17 2.17
CA GLY C 206 29.97 16.48 2.09
C GLY C 206 28.46 16.48 2.26
N VAL C 207 27.74 16.64 1.15
CA VAL C 207 26.28 16.69 1.17
C VAL C 207 25.75 15.53 0.34
N TYR C 208 24.87 14.74 0.93
CA TYR C 208 24.22 13.63 0.26
C TYR C 208 22.78 14.02 -0.06
N GLY C 209 22.29 13.56 -1.21
CA GLY C 209 20.91 13.79 -1.58
C GLY C 209 20.75 14.90 -2.59
N PHE C 210 19.50 15.34 -2.74
CA PHE C 210 19.12 16.30 -3.77
C PHE C 210 19.53 17.73 -3.43
N ASN C 211 19.95 18.00 -2.19
CA ASN C 211 20.22 19.37 -1.78
C ASN C 211 21.34 20.00 -2.59
N SER C 212 22.28 19.19 -3.09
CA SER C 212 23.43 19.72 -3.80
C SER C 212 23.04 20.34 -5.15
N LEU C 213 22.11 19.70 -5.87
CA LEU C 213 21.67 20.22 -7.15
C LEU C 213 20.73 21.41 -7.04
N ASN C 214 20.24 21.72 -5.84
CA ASN C 214 19.34 22.85 -5.67
C ASN C 214 20.10 24.15 -5.68
N ASN C 215 20.19 24.79 -6.85
CA ASN C 215 20.84 26.10 -6.98
C ASN C 215 19.93 26.99 -7.82
N MET C 216 18.95 27.59 -7.16
CA MET C 216 17.92 28.37 -7.83
C MET C 216 17.96 29.85 -7.51
N GLY C 217 18.39 30.23 -6.30
CA GLY C 217 18.53 31.62 -5.94
C GLY C 217 17.80 31.92 -4.65
N HIS C 218 17.53 33.20 -4.45
CA HIS C 218 16.84 33.65 -3.24
C HIS C 218 15.76 34.65 -3.62
N ILE C 219 14.77 34.78 -2.75
CA ILE C 219 13.73 35.79 -2.88
C ILE C 219 13.68 36.59 -1.58
N TYR C 220 13.71 37.91 -1.70
CA TYR C 220 13.62 38.82 -0.56
C TYR C 220 12.39 39.70 -0.73
N VAL C 221 11.74 40.02 0.37
CA VAL C 221 10.53 40.84 0.33
C VAL C 221 10.59 41.85 1.48
N ARG C 222 10.14 43.08 1.20
CA ARG C 222 10.20 44.17 2.17
C ARG C 222 9.06 45.14 1.92
N HIS C 223 8.90 46.08 2.85
CA HIS C 223 8.00 47.21 2.71
C HIS C 223 8.73 48.39 2.10
N VAL C 224 8.19 48.93 1.02
CA VAL C 224 8.74 50.17 0.46
C VAL C 224 8.48 51.35 1.40
N ASN C 225 7.31 51.39 2.03
CA ASN C 225 6.95 52.49 2.91
C ASN C 225 7.86 52.53 4.14
N GLU C 226 8.06 53.73 4.68
CA GLU C 226 8.84 53.86 5.92
C GLU C 226 7.94 53.90 7.14
N GLN C 227 6.69 54.36 6.97
CA GLN C 227 5.68 54.43 8.03
C GLN C 227 6.15 55.42 9.09
N SER C 228 6.76 54.97 10.20
CA SER C 228 7.34 55.75 11.28
C SER C 228 6.30 56.26 12.28
N LEU C 229 5.03 55.89 12.14
CA LEU C 229 4.05 56.24 13.16
C LEU C 229 3.54 55.02 13.92
N GLY C 230 3.71 53.82 13.36
CA GLY C 230 3.26 52.60 14.02
C GLY C 230 3.96 51.42 13.42
N VAL C 231 3.49 50.23 13.80
CA VAL C 231 4.05 48.97 13.35
C VAL C 231 2.99 48.21 12.58
N SER C 232 3.38 47.62 11.46
CA SER C 232 2.47 46.79 10.67
C SER C 232 3.21 45.54 10.20
N THR C 233 2.56 44.39 10.33
CA THR C 233 3.16 43.10 10.01
C THR C 233 2.51 42.55 8.75
N SER C 234 3.34 42.15 7.78
CA SER C 234 2.85 41.63 6.51
C SER C 234 3.31 40.18 6.34
N THR C 235 2.46 39.39 5.69
CA THR C 235 2.71 37.98 5.41
C THR C 235 2.59 37.73 3.92
N LEU C 236 3.61 37.08 3.36
CA LEU C 236 3.68 36.77 1.95
C LEU C 236 3.56 35.27 1.74
N ARG C 237 2.65 34.87 0.85
CA ARG C 237 2.44 33.47 0.49
C ARG C 237 2.77 33.29 -0.98
N VAL C 238 3.59 32.28 -1.28
CA VAL C 238 4.12 32.06 -2.62
C VAL C 238 3.42 30.84 -3.21
N TYR C 239 2.90 30.98 -4.43
CA TYR C 239 2.16 29.93 -5.11
C TYR C 239 2.83 29.61 -6.43
N PHE C 240 2.98 28.32 -6.72
CA PHE C 240 3.68 27.82 -7.89
C PHE C 240 2.69 27.06 -8.77
N LYS C 241 2.68 27.37 -10.06
CA LYS C 241 1.84 26.65 -11.03
C LYS C 241 2.71 26.13 -12.16
N PRO C 242 2.98 24.82 -12.22
CA PRO C 242 3.79 24.29 -13.32
C PRO C 242 2.96 24.11 -14.57
N LYS C 243 3.43 24.67 -15.69
CA LYS C 243 2.79 24.51 -16.98
C LYS C 243 3.83 24.03 -17.99
N HIS C 244 3.34 23.42 -19.07
CA HIS C 244 4.19 22.80 -20.08
C HIS C 244 5.08 21.72 -19.45
N VAL C 245 4.46 20.83 -18.70
CA VAL C 245 5.15 19.89 -17.83
C VAL C 245 5.48 18.62 -18.60
N ARG C 246 6.70 18.14 -18.44
CA ARG C 246 7.11 16.82 -18.90
C ARG C 246 7.73 16.08 -17.73
N ALA C 247 7.40 14.79 -17.59
CA ALA C 247 7.82 14.01 -16.45
C ALA C 247 8.38 12.67 -16.90
N TRP C 248 9.41 12.20 -16.21
CA TRP C 248 10.08 10.95 -16.54
C TRP C 248 10.31 10.11 -15.29
N VAL C 249 10.32 8.80 -15.49
CA VAL C 249 10.63 7.79 -14.49
C VAL C 249 9.72 7.93 -13.27
N PRO C 250 8.47 7.48 -13.35
CA PRO C 250 7.57 7.58 -12.19
C PRO C 250 8.05 6.69 -11.05
N ARG C 251 7.65 7.07 -9.84
CA ARG C 251 8.05 6.43 -8.60
C ARG C 251 6.81 6.12 -7.77
N PRO C 252 6.92 5.19 -6.81
CA PRO C 252 5.80 4.98 -5.90
C PRO C 252 5.58 6.20 -5.03
N PRO C 253 4.33 6.49 -4.67
CA PRO C 253 4.08 7.61 -3.77
C PRO C 253 4.61 7.30 -2.37
N ARG C 254 4.89 8.37 -1.64
CA ARG C 254 5.51 8.20 -0.33
C ARG C 254 4.53 7.64 0.68
N LEU C 255 5.06 6.88 1.63
CA LEU C 255 4.31 6.27 2.72
C LEU C 255 4.48 7.03 4.02
N SER C 256 5.72 7.26 4.43
CA SER C 256 6.02 7.90 5.70
C SER C 256 5.75 9.40 5.62
N PRO C 257 5.41 10.02 6.75
CA PRO C 257 5.34 11.48 6.79
C PRO C 257 6.71 12.11 6.62
N TYR C 258 6.73 13.28 6.00
CA TYR C 258 7.98 14.00 5.78
C TYR C 258 8.53 14.55 7.09
N VAL C 259 9.85 14.68 7.15
CA VAL C 259 10.50 15.18 8.36
C VAL C 259 11.34 16.41 8.05
N LYS C 260 12.26 16.29 7.09
CA LYS C 260 13.18 17.35 6.74
C LYS C 260 12.87 17.89 5.35
N SER C 261 13.31 19.12 5.11
CA SER C 261 13.18 19.74 3.80
C SER C 261 14.43 19.55 2.95
N SER C 262 15.46 18.91 3.46
CA SER C 262 16.69 18.69 2.73
C SER C 262 17.11 17.23 2.69
N ASN C 263 16.33 16.32 3.27
CA ASN C 263 16.63 14.90 3.26
C ASN C 263 15.38 14.15 2.83
N VAL C 264 15.55 12.84 2.63
CA VAL C 264 14.43 11.93 2.47
C VAL C 264 14.22 11.10 3.73
N ASN C 265 14.73 11.58 4.86
CA ASN C 265 14.67 10.83 6.11
C ASN C 265 13.22 10.56 6.50
N PHE C 266 13.01 9.44 7.16
CA PHE C 266 11.67 9.00 7.50
C PHE C 266 11.73 8.10 8.72
N LYS C 267 10.55 7.74 9.21
CA LYS C 267 10.41 6.73 10.25
C LYS C 267 9.57 5.58 9.72
N PRO C 268 9.88 4.35 10.07
CA PRO C 268 9.15 3.20 9.51
C PRO C 268 7.68 3.22 9.89
N THR C 269 6.83 3.21 8.87
CA THR C 269 5.38 3.20 9.04
C THR C 269 4.80 1.90 8.49
N ALA C 270 3.61 1.56 8.97
CA ALA C 270 2.90 0.40 8.48
C ALA C 270 2.50 0.60 7.02
N VAL C 271 2.39 -0.51 6.29
CA VAL C 271 2.09 -0.42 4.87
C VAL C 271 0.67 0.07 4.63
N THR C 272 -0.28 -0.37 5.47
CA THR C 272 -1.68 0.01 5.34
C THR C 272 -2.28 0.12 6.73
N THR C 273 -3.61 0.11 6.77
CA THR C 273 -4.37 0.12 8.01
C THR C 273 -4.86 -1.29 8.32
N GLU C 274 -4.91 -1.62 9.61
CA GLU C 274 -5.29 -2.95 10.04
C GLU C 274 -6.79 -3.20 9.81
N ARG C 275 -7.13 -4.48 9.72
CA ARG C 275 -8.53 -4.91 9.75
C ARG C 275 -8.64 -6.18 10.58
N LYS C 276 -9.87 -6.51 10.96
CA LYS C 276 -10.09 -7.50 12.01
C LYS C 276 -9.58 -8.88 11.62
N ASP C 277 -9.82 -9.29 10.38
CA ASP C 277 -9.46 -10.62 9.93
C ASP C 277 -9.06 -10.55 8.46
N ILE C 278 -8.65 -11.68 7.92
CA ILE C 278 -8.38 -11.74 6.48
C ILE C 278 -9.68 -11.88 5.70
N ASN C 279 -10.77 -12.28 6.36
CA ASN C 279 -12.08 -12.40 5.73
C ASN C 279 -13.02 -11.29 6.15
N ASP C 280 -12.49 -10.16 6.64
CA ASP C 280 -13.31 -9.07 7.15
C ASP C 280 -13.92 -8.28 5.98
N VAL C 281 -15.24 -8.14 5.98
CA VAL C 281 -15.95 -7.40 4.94
C VAL C 281 -16.86 -6.37 5.58
N GLY C 282 -16.48 -5.87 6.75
CA GLY C 282 -17.27 -4.85 7.42
C GLY C 282 -18.62 -5.30 7.93
N THR C 283 -18.68 -6.48 8.55
CA THR C 283 -19.89 -7.00 9.16
C THR C 283 -19.58 -7.47 10.58
N LEU C 284 -20.64 -7.74 11.34
CA LEU C 284 -20.46 -8.17 12.73
C LEU C 284 -19.76 -9.51 12.83
N ARG C 285 -20.00 -10.41 11.87
CA ARG C 285 -19.19 -11.62 11.70
C ARG C 285 -19.19 -12.53 12.93
N PRO C 286 -20.27 -13.27 13.18
CA PRO C 286 -20.28 -14.22 14.30
C PRO C 286 -19.29 -15.37 14.10
N VAL C 287 -19.26 -16.29 15.05
CA VAL C 287 -18.24 -17.33 15.10
C VAL C 287 -18.68 -18.55 14.31
N GLY C 288 -17.80 -19.05 13.44
CA GLY C 288 -17.97 -20.35 12.81
C GLY C 288 -17.67 -20.40 11.32
N TYR C 289 -16.72 -21.25 10.96
CA TYR C 289 -16.38 -21.60 9.58
C TYR C 289 -15.80 -20.43 8.78
N THR C 290 -15.84 -19.24 9.34
CA THR C 290 -15.12 -18.09 8.81
C THR C 290 -14.36 -17.34 9.90
N ASN C 291 -14.95 -17.24 11.09
CA ASN C 291 -14.30 -16.68 12.26
C ASN C 291 -14.42 -17.69 13.38
N HIS C 292 -13.30 -17.98 14.04
CA HIS C 292 -13.30 -18.96 15.12
C HIS C 292 -13.31 -18.31 16.48
N ASP D 10 9.88 -19.74 -25.42
CA ASP D 10 10.98 -20.68 -25.18
C ASP D 10 11.73 -20.29 -23.91
N ARG D 11 12.13 -21.30 -23.14
CA ARG D 11 12.70 -21.09 -21.82
C ARG D 11 14.23 -21.02 -21.82
N VAL D 12 14.88 -21.20 -22.97
CA VAL D 12 16.33 -21.16 -23.06
C VAL D 12 16.76 -19.83 -23.64
N ARG D 13 17.86 -19.30 -23.15
CA ARG D 13 18.39 -18.04 -23.66
C ARG D 13 19.91 -18.05 -23.50
N SER D 14 20.58 -17.30 -24.36
CA SER D 14 22.04 -17.17 -24.33
C SER D 14 22.40 -15.72 -24.63
N ILE D 15 23.08 -15.08 -23.69
CA ILE D 15 23.51 -13.69 -23.84
C ILE D 15 25.03 -13.66 -23.94
N THR D 16 25.54 -13.25 -25.10
CA THR D 16 26.98 -13.18 -25.33
C THR D 16 27.41 -11.72 -25.37
N LEU D 17 28.34 -11.35 -24.50
CA LEU D 17 28.88 -10.00 -24.47
C LEU D 17 30.39 -10.09 -24.29
N GLY D 18 31.12 -9.41 -25.16
CA GLY D 18 32.57 -9.43 -25.07
C GLY D 18 33.10 -10.84 -25.22
N ASN D 19 33.92 -11.26 -24.26
CA ASN D 19 34.47 -12.60 -24.22
C ASN D 19 33.75 -13.49 -23.23
N SER D 20 32.51 -13.17 -22.91
CA SER D 20 31.73 -13.95 -21.94
C SER D 20 30.37 -14.29 -22.53
N THR D 21 29.83 -15.42 -22.09
CA THR D 21 28.50 -15.85 -22.50
C THR D 21 27.76 -16.39 -21.29
N ILE D 22 26.43 -16.22 -21.30
CA ILE D 22 25.56 -16.68 -20.23
C ILE D 22 24.51 -17.59 -20.86
N THR D 23 24.40 -18.81 -20.34
CA THR D 23 23.45 -19.80 -20.81
C THR D 23 22.44 -20.08 -19.72
N THR D 24 21.15 -19.91 -20.03
CA THR D 24 20.10 -20.20 -19.08
C THR D 24 19.06 -21.09 -19.73
N GLN D 25 18.57 -22.07 -18.97
CA GLN D 25 17.62 -23.04 -19.49
C GLN D 25 16.23 -22.90 -18.89
N GLU D 26 16.03 -22.01 -17.93
CA GLU D 26 14.73 -21.85 -17.28
C GLU D 26 14.44 -20.39 -17.02
N CYS D 27 14.69 -19.53 -18.00
CA CYS D 27 14.44 -18.10 -17.83
C CYS D 27 12.99 -17.77 -18.18
N ALA D 28 12.55 -16.62 -17.68
CA ALA D 28 11.22 -16.13 -18.04
C ALA D 28 11.24 -15.40 -19.37
N ASN D 29 11.95 -14.29 -19.43
CA ASN D 29 12.14 -13.48 -20.63
C ASN D 29 13.20 -12.44 -20.29
N VAL D 30 13.35 -11.43 -21.14
CA VAL D 30 14.23 -10.30 -20.87
C VAL D 30 13.40 -9.03 -20.86
N VAL D 31 13.56 -8.23 -19.81
CA VAL D 31 12.91 -6.93 -19.69
C VAL D 31 13.88 -5.86 -20.14
N VAL D 32 13.43 -4.96 -21.01
CA VAL D 32 14.29 -3.91 -21.52
C VAL D 32 13.86 -2.56 -20.95
N GLY D 33 14.48 -2.16 -19.84
CA GLY D 33 14.34 -0.84 -19.26
C GLY D 33 12.95 -0.25 -19.31
N TYR D 34 12.80 0.87 -20.00
CA TYR D 34 11.51 1.48 -20.28
C TYR D 34 11.17 1.36 -21.77
N GLY D 35 11.52 0.22 -22.35
CA GLY D 35 11.28 -0.04 -23.76
C GLY D 35 12.41 0.35 -24.68
N VAL D 36 13.49 0.92 -24.17
CA VAL D 36 14.60 1.39 -24.99
C VAL D 36 15.86 0.61 -24.63
N TRP D 37 16.63 0.24 -25.65
CA TRP D 37 17.90 -0.45 -25.61
C TRP D 37 19.04 0.56 -25.46
N PRO D 38 20.12 0.22 -24.75
CA PRO D 38 21.23 1.16 -24.60
C PRO D 38 21.90 1.46 -25.93
N SER D 39 22.47 2.67 -26.03
CA SER D 39 23.15 3.11 -27.23
C SER D 39 24.13 4.22 -26.85
N TYR D 40 24.94 4.63 -27.83
CA TYR D 40 25.93 5.66 -27.61
C TYR D 40 25.30 7.05 -27.67
N LEU D 41 26.04 8.04 -27.19
CA LEU D 41 25.55 9.41 -27.14
C LEU D 41 25.68 10.06 -28.51
N GLN D 42 24.55 10.54 -29.03
CA GLN D 42 24.55 11.19 -30.33
C GLN D 42 25.15 12.60 -30.21
N ASP D 43 25.53 13.15 -31.36
CA ASP D 43 26.12 14.48 -31.38
C ASP D 43 25.11 15.58 -31.06
N ASN D 44 23.81 15.29 -31.20
CA ASN D 44 22.79 16.28 -30.86
C ASN D 44 22.79 16.59 -29.37
N GLU D 45 22.90 15.55 -28.54
CA GLU D 45 22.79 15.69 -27.10
C GLU D 45 24.13 15.81 -26.39
N ALA D 46 25.24 15.77 -27.14
CA ALA D 46 26.56 15.85 -26.53
C ALA D 46 26.81 17.23 -25.96
N THR D 47 27.56 17.25 -24.85
CA THR D 47 27.99 18.49 -24.22
C THR D 47 29.50 18.62 -24.11
N ALA D 48 30.21 17.52 -23.82
CA ALA D 48 31.66 17.55 -23.75
C ALA D 48 32.25 17.45 -25.15
N GLU D 49 33.31 18.20 -25.40
CA GLU D 49 33.80 18.41 -26.75
C GLU D 49 34.97 17.51 -27.13
N ASP D 50 35.68 16.94 -26.17
CA ASP D 50 36.79 16.08 -26.52
C ASP D 50 36.30 14.72 -27.00
N GLN D 51 37.16 14.03 -27.73
CA GLN D 51 36.79 12.73 -28.29
C GLN D 51 36.65 11.70 -27.18
N PRO D 52 35.52 11.01 -27.08
CA PRO D 52 35.38 9.99 -26.04
C PRO D 52 36.08 8.70 -26.43
N THR D 53 36.34 7.87 -25.42
CA THR D 53 36.91 6.55 -25.65
C THR D 53 35.83 5.49 -25.57
N GLN D 54 36.05 4.41 -26.32
CA GLN D 54 35.07 3.33 -26.43
C GLN D 54 35.79 2.00 -26.48
N PRO D 55 36.15 1.44 -25.32
CA PRO D 55 36.71 0.08 -25.27
C PRO D 55 35.60 -0.96 -25.21
N ASP D 56 35.06 -1.28 -26.38
CA ASP D 56 33.81 -2.05 -26.44
C ASP D 56 33.96 -3.43 -25.84
N VAL D 57 35.05 -4.13 -26.14
CA VAL D 57 35.21 -5.49 -25.66
C VAL D 57 35.84 -5.53 -24.28
N ALA D 58 36.85 -4.69 -24.04
CA ALA D 58 37.57 -4.71 -22.77
C ALA D 58 36.71 -4.24 -21.60
N THR D 59 35.57 -3.60 -21.86
CA THR D 59 34.74 -3.04 -20.81
C THR D 59 33.36 -3.67 -20.75
N CYS D 60 32.68 -3.80 -21.88
CA CYS D 60 31.30 -4.28 -21.91
C CYS D 60 31.28 -5.81 -21.93
N ARG D 61 31.56 -6.38 -20.76
CA ARG D 61 31.53 -7.83 -20.57
C ARG D 61 30.90 -8.14 -19.22
N PHE D 62 30.69 -9.42 -18.95
CA PHE D 62 29.97 -9.85 -17.76
C PHE D 62 30.94 -9.96 -16.58
N TYR D 63 30.64 -9.23 -15.51
CA TYR D 63 31.38 -9.29 -14.26
C TYR D 63 30.49 -9.91 -13.20
N THR D 64 31.02 -10.87 -12.45
CA THR D 64 30.26 -11.61 -11.46
C THR D 64 30.50 -11.02 -10.08
N LEU D 65 29.45 -10.48 -9.48
CA LEU D 65 29.53 -10.03 -8.10
C LEU D 65 29.59 -11.24 -7.17
N ASP D 66 29.97 -10.98 -5.91
CA ASP D 66 30.03 -12.06 -4.94
C ASP D 66 28.65 -12.65 -4.70
N SER D 67 28.62 -13.94 -4.39
CA SER D 67 27.35 -14.62 -4.14
C SER D 67 26.88 -14.36 -2.71
N ILE D 68 25.57 -14.51 -2.52
CA ILE D 68 24.95 -14.37 -1.20
C ILE D 68 24.13 -15.62 -0.94
N GLN D 69 23.75 -15.80 0.32
CA GLN D 69 22.95 -16.95 0.72
C GLN D 69 21.53 -16.51 1.03
N TRP D 70 20.56 -17.29 0.54
CA TRP D 70 19.15 -17.06 0.81
C TRP D 70 18.76 -17.94 1.99
N GLN D 71 18.55 -17.33 3.15
CA GLN D 71 18.12 -18.04 4.34
C GLN D 71 16.62 -17.86 4.54
N LYS D 72 16.06 -18.67 5.44
CA LYS D 72 14.63 -18.61 5.69
C LYS D 72 14.23 -17.27 6.29
N GLU D 73 15.10 -16.66 7.09
CA GLU D 73 14.82 -15.39 7.74
C GLU D 73 15.42 -14.21 6.99
N SER D 74 15.92 -14.42 5.77
CA SER D 74 16.48 -13.33 4.98
C SER D 74 15.41 -12.32 4.59
N ASP D 75 15.82 -11.06 4.52
CA ASP D 75 14.91 -9.96 4.25
C ASP D 75 15.14 -9.28 2.91
N GLY D 76 16.36 -9.24 2.42
CA GLY D 76 16.64 -8.62 1.14
C GLY D 76 18.05 -8.05 1.12
N TRP D 77 18.44 -7.56 -0.06
CA TRP D 77 19.76 -7.01 -0.26
C TRP D 77 19.68 -5.93 -1.32
N TRP D 78 20.67 -5.03 -1.34
CA TRP D 78 20.75 -4.05 -2.41
C TRP D 78 22.21 -3.77 -2.74
N TRP D 79 22.47 -3.57 -4.03
CA TRP D 79 23.73 -3.05 -4.53
C TRP D 79 23.49 -1.71 -5.20
N LYS D 80 24.53 -0.91 -5.32
CA LYS D 80 24.45 0.38 -6.00
C LYS D 80 25.45 0.41 -7.14
N PHE D 81 25.04 0.93 -8.29
CA PHE D 81 25.90 0.89 -9.46
C PHE D 81 26.18 2.30 -9.97
N PRO D 82 27.35 2.52 -10.59
CA PRO D 82 28.38 1.53 -10.89
C PRO D 82 29.39 1.31 -9.76
N GLU D 83 29.10 1.85 -8.57
CA GLU D 83 30.05 1.76 -7.46
C GLU D 83 30.30 0.32 -7.01
N ALA D 84 29.45 -0.62 -7.41
CA ALA D 84 29.72 -2.02 -7.12
C ALA D 84 30.81 -2.61 -8.02
N LEU D 85 31.28 -1.87 -9.00
CA LEU D 85 32.25 -2.36 -9.97
C LEU D 85 33.51 -1.48 -10.00
N LYS D 86 33.91 -0.95 -8.83
CA LYS D 86 35.09 -0.10 -8.78
C LYS D 86 36.36 -0.86 -9.14
N ASN D 87 36.50 -2.07 -8.61
CA ASN D 87 37.72 -2.86 -8.76
C ASN D 87 37.51 -4.06 -9.66
N MET D 88 36.75 -3.87 -10.73
CA MET D 88 36.32 -4.98 -11.59
C MET D 88 36.83 -4.72 -13.01
N GLY D 89 37.97 -5.32 -13.34
CA GLY D 89 38.47 -5.29 -14.70
C GLY D 89 38.91 -3.89 -15.13
N LEU D 90 38.87 -3.67 -16.44
CA LEU D 90 39.20 -2.37 -17.00
C LEU D 90 38.08 -1.36 -16.87
N PHE D 91 36.86 -1.80 -16.56
CA PHE D 91 35.77 -0.87 -16.28
C PHE D 91 36.12 0.03 -15.11
N GLY D 92 36.64 -0.54 -14.02
CA GLY D 92 37.04 0.27 -12.89
C GLY D 92 38.22 1.16 -13.18
N GLN D 93 39.17 0.66 -13.98
CA GLN D 93 40.32 1.49 -14.35
C GLN D 93 39.88 2.70 -15.15
N ASN D 94 38.96 2.50 -16.10
CA ASN D 94 38.47 3.62 -16.89
C ASN D 94 37.64 4.57 -16.03
N MET D 95 36.89 4.04 -15.07
CA MET D 95 36.19 4.91 -14.13
C MET D 95 37.15 5.78 -13.36
N GLU D 96 38.26 5.20 -12.90
CA GLU D 96 39.24 5.96 -12.12
C GLU D 96 39.92 7.03 -12.97
N TYR D 97 40.28 6.70 -14.20
CA TYR D 97 41.11 7.60 -14.99
C TYR D 97 40.33 8.68 -15.73
N HIS D 98 38.99 8.62 -15.74
CA HIS D 98 38.18 9.56 -16.49
C HIS D 98 37.25 10.33 -15.56
N TYR D 99 36.78 11.48 -16.05
CA TYR D 99 35.89 12.35 -15.30
C TYR D 99 34.42 12.04 -15.56
N LEU D 100 34.04 11.79 -16.81
CA LEU D 100 32.67 11.54 -17.19
C LEU D 100 32.55 10.14 -17.78
N GLY D 101 31.50 9.42 -17.40
CA GLY D 101 31.24 8.11 -17.96
C GLY D 101 29.76 7.92 -18.22
N ARG D 102 29.46 7.01 -19.14
CA ARG D 102 28.08 6.77 -19.55
C ARG D 102 27.96 5.36 -20.09
N SER D 103 26.97 4.62 -19.60
CA SER D 103 26.74 3.25 -20.05
C SER D 103 25.40 2.76 -19.54
N GLY D 104 24.84 1.79 -20.28
CA GLY D 104 23.73 0.99 -19.77
C GLY D 104 24.25 -0.29 -19.16
N TYR D 105 23.33 -1.15 -18.75
CA TYR D 105 23.71 -2.38 -18.07
C TYR D 105 22.78 -3.52 -18.44
N THR D 106 23.32 -4.74 -18.33
CA THR D 106 22.53 -5.96 -18.33
C THR D 106 22.74 -6.64 -17.00
N ILE D 107 21.66 -6.89 -16.27
CA ILE D 107 21.72 -7.51 -14.95
C ILE D 107 21.10 -8.89 -15.05
N HIS D 108 21.84 -9.90 -14.63
CA HIS D 108 21.40 -11.29 -14.62
C HIS D 108 21.49 -11.80 -13.20
N VAL D 109 20.35 -11.92 -12.52
CA VAL D 109 20.28 -12.52 -11.21
C VAL D 109 19.92 -13.99 -11.41
N GLN D 110 20.59 -14.87 -10.68
CA GLN D 110 20.48 -16.29 -10.94
C GLN D 110 20.49 -17.07 -9.64
N CYS D 111 19.50 -17.96 -9.50
CA CYS D 111 19.31 -18.74 -8.29
C CYS D 111 18.47 -19.97 -8.65
N ASN D 112 19.06 -21.15 -8.54
CA ASN D 112 18.38 -22.41 -8.79
C ASN D 112 18.29 -23.19 -7.48
N ALA D 113 17.09 -23.65 -7.13
CA ALA D 113 16.97 -24.43 -5.91
C ALA D 113 16.53 -25.88 -6.15
N SER D 114 15.31 -26.10 -6.64
CA SER D 114 14.78 -27.46 -6.78
C SER D 114 13.33 -27.43 -7.26
N LYS D 115 12.76 -28.61 -7.47
CA LYS D 115 11.31 -28.75 -7.61
C LYS D 115 10.61 -29.02 -6.28
N PHE D 116 11.38 -29.13 -5.19
CA PHE D 116 10.82 -29.33 -3.85
C PHE D 116 11.06 -28.15 -2.93
N HIS D 117 11.67 -27.08 -3.44
CA HIS D 117 11.80 -25.82 -2.72
C HIS D 117 10.70 -24.87 -3.13
N GLN D 118 10.57 -23.77 -2.39
CA GLN D 118 9.61 -22.74 -2.75
C GLN D 118 10.10 -21.39 -2.26
N GLY D 119 9.60 -20.35 -2.90
CA GLY D 119 10.01 -19.00 -2.58
C GLY D 119 9.74 -18.09 -3.75
N CYS D 120 9.93 -16.78 -3.51
CA CYS D 120 9.69 -15.79 -4.54
C CYS D 120 10.51 -14.55 -4.22
N LEU D 121 11.36 -14.15 -5.16
CA LEU D 121 12.18 -12.95 -5.05
C LEU D 121 11.70 -11.91 -6.05
N LEU D 122 11.64 -10.66 -5.63
CA LEU D 122 11.46 -9.53 -6.53
C LEU D 122 12.82 -8.89 -6.77
N VAL D 123 13.12 -8.63 -8.04
CA VAL D 123 14.38 -8.02 -8.44
C VAL D 123 14.04 -6.72 -9.16
N VAL D 124 14.47 -5.60 -8.58
CA VAL D 124 14.17 -4.28 -9.12
C VAL D 124 15.46 -3.50 -9.34
N CYS D 125 15.40 -2.57 -10.28
CA CYS D 125 16.48 -1.62 -10.56
C CYS D 125 15.90 -0.22 -10.42
N VAL D 126 16.08 0.38 -9.24
CA VAL D 126 15.48 1.66 -8.91
C VAL D 126 16.44 2.77 -9.32
N PRO D 127 16.05 3.68 -10.22
CA PRO D 127 16.91 4.84 -10.50
C PRO D 127 16.84 5.85 -9.36
N GLU D 128 18.00 6.45 -9.07
CA GLU D 128 18.11 7.52 -8.08
C GLU D 128 17.49 7.11 -6.74
N ALA D 129 17.85 5.91 -6.28
CA ALA D 129 17.27 5.35 -5.07
C ALA D 129 17.89 6.03 -3.84
N GLU D 130 17.54 7.29 -3.66
CA GLU D 130 17.98 8.04 -2.49
C GLU D 130 17.43 7.40 -1.22
N MET D 131 18.28 7.24 -0.22
CA MET D 131 17.94 6.52 1.00
C MET D 131 17.97 7.47 2.19
N GLY D 132 17.29 7.06 3.26
CA GLY D 132 17.18 7.85 4.47
C GLY D 132 18.06 7.28 5.58
N CYS D 133 18.44 8.14 6.52
CA CYS D 133 19.30 7.74 7.62
C CYS D 133 18.50 7.03 8.70
N SER D 134 19.18 6.13 9.41
CA SER D 134 18.56 5.44 10.53
C SER D 134 18.19 6.41 11.64
N ASP D 135 19.07 7.34 11.95
CA ASP D 135 18.80 8.39 12.93
C ASP D 135 18.39 9.64 12.17
N VAL D 136 17.09 9.95 12.20
CA VAL D 136 16.62 11.21 11.67
C VAL D 136 17.27 12.34 12.46
N GLU D 137 17.47 13.48 11.80
CA GLU D 137 18.24 14.64 12.24
C GLU D 137 19.73 14.43 12.02
N ARG D 138 20.12 13.41 11.27
CA ARG D 138 21.50 13.19 10.88
C ARG D 138 21.56 12.84 9.40
N GLU D 139 22.78 12.67 8.88
CA GLU D 139 23.00 12.31 7.50
C GLU D 139 23.89 11.09 7.41
N VAL D 140 23.67 10.29 6.36
CA VAL D 140 24.39 9.02 6.17
C VAL D 140 25.83 9.29 5.77
N VAL D 141 26.66 8.25 5.83
CA VAL D 141 28.02 8.30 5.35
C VAL D 141 28.13 7.41 4.12
N ALA D 142 29.27 7.52 3.42
CA ALA D 142 29.45 6.76 2.19
C ALA D 142 29.49 5.26 2.47
N ALA D 143 30.13 4.86 3.56
CA ALA D 143 30.29 3.44 3.87
C ALA D 143 28.97 2.78 4.24
N SER D 144 27.95 3.55 4.59
CA SER D 144 26.68 3.00 5.02
C SER D 144 25.73 2.71 3.87
N LEU D 145 26.04 3.15 2.67
CA LEU D 145 25.21 2.90 1.50
C LEU D 145 25.68 1.71 0.67
N SER D 146 26.99 1.57 0.49
CA SER D 146 27.55 0.46 -0.26
C SER D 146 29.04 0.36 0.06
N SER D 147 29.49 -0.85 0.37
CA SER D 147 30.88 -1.08 0.76
C SER D 147 31.72 -1.58 -0.41
N GLU D 148 31.28 -2.66 -1.06
CA GLU D 148 31.95 -3.21 -2.22
C GLU D 148 30.93 -4.07 -2.98
N ASP D 149 31.41 -4.96 -3.84
CA ASP D 149 30.51 -5.89 -4.53
C ASP D 149 29.70 -6.75 -3.57
N THR D 150 30.03 -6.78 -2.28
CA THR D 150 29.20 -7.48 -1.31
C THR D 150 27.91 -6.69 -1.07
N ALA D 151 26.90 -7.42 -0.62
CA ALA D 151 25.55 -6.86 -0.53
C ALA D 151 25.35 -6.14 0.80
N LYS D 152 24.37 -5.25 0.81
CA LYS D 152 23.89 -4.59 2.01
C LYS D 152 22.50 -5.15 2.31
N SER D 153 22.33 -5.71 3.50
CA SER D 153 21.13 -6.47 3.82
C SER D 153 20.10 -5.59 4.51
N PHE D 154 18.85 -5.69 4.05
CA PHE D 154 17.74 -5.09 4.76
C PHE D 154 17.52 -5.82 6.08
N SER D 155 16.69 -5.25 6.93
CA SER D 155 16.43 -5.81 8.26
C SER D 155 14.94 -6.03 8.46
N ARG D 156 14.61 -7.00 9.30
CA ARG D 156 13.21 -7.25 9.64
C ARG D 156 12.63 -6.11 10.47
N THR D 157 13.42 -5.55 11.37
CA THR D 157 12.99 -4.47 12.25
C THR D 157 13.85 -3.23 11.99
N GLU D 158 13.65 -2.22 12.83
CA GLU D 158 14.32 -0.93 12.63
C GLU D 158 15.81 -1.03 12.91
N SER D 159 16.54 -0.01 12.47
CA SER D 159 17.97 0.12 12.75
C SER D 159 18.18 1.39 13.56
N ASN D 160 18.75 1.24 14.76
CA ASN D 160 18.98 2.35 15.67
C ASN D 160 20.38 2.94 15.54
N GLY D 161 20.94 2.94 14.34
CA GLY D 161 22.26 3.47 14.14
C GLY D 161 22.28 4.99 14.23
N GLN D 162 23.43 5.55 13.88
CA GLN D 162 23.63 6.99 13.88
C GLN D 162 23.78 7.56 12.48
N HIS D 163 24.65 6.98 11.66
CA HIS D 163 24.85 7.43 10.28
C HIS D 163 24.59 6.30 9.29
N THR D 164 23.78 5.33 9.66
CA THR D 164 23.46 4.20 8.79
C THR D 164 22.12 4.44 8.09
N VAL D 165 21.85 3.58 7.11
CA VAL D 165 20.60 3.62 6.37
C VAL D 165 19.50 2.97 7.22
N GLN D 166 18.30 3.54 7.19
CA GLN D 166 17.15 2.94 7.84
C GLN D 166 16.74 1.71 7.03
N THR D 167 17.22 0.55 7.44
CA THR D 167 17.13 -0.67 6.64
C THR D 167 15.91 -1.52 6.99
N VAL D 168 14.81 -0.91 7.43
CA VAL D 168 13.59 -1.68 7.62
C VAL D 168 13.08 -2.12 6.25
N VAL D 169 12.68 -3.39 6.14
CA VAL D 169 12.53 -4.02 4.83
C VAL D 169 11.31 -3.47 4.09
N TYR D 170 10.19 -3.26 4.80
CA TYR D 170 8.94 -2.98 4.11
C TYR D 170 8.82 -1.54 3.65
N ASN D 171 9.73 -0.66 4.04
CA ASN D 171 9.80 0.68 3.48
C ASN D 171 10.86 0.80 2.40
N ALA D 172 11.61 -0.27 2.14
CA ALA D 172 12.55 -0.36 1.02
C ALA D 172 13.67 0.67 1.09
N GLY D 173 13.91 1.26 2.26
CA GLY D 173 14.99 2.21 2.40
C GLY D 173 14.67 3.61 1.95
N MET D 174 13.79 3.74 0.96
CA MET D 174 13.43 5.03 0.40
C MET D 174 12.25 5.69 1.11
N GLY D 175 11.61 5.00 2.04
CA GLY D 175 10.45 5.55 2.74
C GLY D 175 9.13 5.35 2.05
N VAL D 176 9.04 4.38 1.13
CA VAL D 176 7.84 4.14 0.35
C VAL D 176 7.30 2.75 0.64
N GLY D 177 6.20 2.37 -0.02
CA GLY D 177 5.67 1.02 0.14
C GLY D 177 6.40 0.05 -0.76
N VAL D 178 6.87 -1.06 -0.18
CA VAL D 178 7.70 -2.00 -0.92
C VAL D 178 6.89 -2.65 -2.05
N GLY D 179 5.60 -2.91 -1.82
CA GLY D 179 4.79 -3.55 -2.83
C GLY D 179 4.65 -2.76 -4.11
N ASN D 180 4.81 -1.44 -4.04
CA ASN D 180 4.74 -0.59 -5.23
C ASN D 180 6.06 -0.55 -5.99
N LEU D 181 7.12 -1.15 -5.44
CA LEU D 181 8.42 -1.17 -6.10
C LEU D 181 8.36 -1.76 -7.50
N THR D 182 7.23 -2.37 -7.90
CA THR D 182 7.07 -2.92 -9.23
C THR D 182 6.83 -1.85 -10.28
N ILE D 183 6.79 -0.58 -9.91
CA ILE D 183 6.68 0.47 -10.92
C ILE D 183 7.96 0.56 -11.75
N PHE D 184 9.10 0.22 -11.17
CA PHE D 184 10.38 0.30 -11.85
C PHE D 184 10.60 -0.94 -12.69
N PRO D 185 11.63 -0.95 -13.55
CA PRO D 185 11.99 -2.19 -14.25
C PRO D 185 12.28 -3.30 -13.24
N HIS D 186 11.63 -4.45 -13.43
CA HIS D 186 11.63 -5.46 -12.39
C HIS D 186 11.31 -6.82 -12.99
N GLN D 187 11.60 -7.85 -12.21
CA GLN D 187 11.23 -9.22 -12.54
C GLN D 187 11.02 -10.00 -11.25
N TRP D 188 10.43 -11.19 -11.38
CA TRP D 188 10.22 -12.07 -10.25
C TRP D 188 10.92 -13.40 -10.51
N ILE D 189 11.68 -13.87 -9.53
CA ILE D 189 12.25 -15.20 -9.55
C ILE D 189 11.35 -16.08 -8.69
N ASN D 190 10.59 -16.95 -9.34
CA ASN D 190 9.75 -17.93 -8.67
C ASN D 190 10.40 -19.29 -8.86
N LEU D 191 10.83 -19.91 -7.77
CA LEU D 191 11.52 -21.20 -7.87
C LEU D 191 10.65 -22.24 -8.56
N ARG D 192 9.33 -22.06 -8.48
CA ARG D 192 8.41 -22.91 -9.23
C ARG D 192 8.56 -22.74 -10.73
N THR D 193 8.86 -21.52 -11.19
CA THR D 193 8.86 -21.17 -12.60
C THR D 193 10.22 -20.73 -13.12
N ASN D 194 10.98 -19.98 -12.33
CA ASN D 194 12.19 -19.31 -12.78
C ASN D 194 13.42 -19.87 -12.08
N ASN D 195 14.57 -19.67 -12.70
CA ASN D 195 15.85 -19.71 -11.99
C ASN D 195 16.76 -18.57 -12.43
N SER D 196 16.20 -17.53 -13.03
CA SER D 196 16.98 -16.39 -13.49
C SER D 196 16.06 -15.20 -13.73
N ALA D 197 16.67 -14.02 -13.76
CA ALA D 197 15.97 -12.77 -14.03
C ALA D 197 16.92 -11.83 -14.74
N THR D 198 16.55 -11.37 -15.93
CA THR D 198 17.39 -10.52 -16.76
C THR D 198 16.71 -9.19 -16.99
N ILE D 199 17.42 -8.11 -16.70
CA ILE D 199 16.91 -6.75 -16.90
C ILE D 199 17.96 -5.94 -17.64
N VAL D 200 17.55 -5.30 -18.74
CA VAL D 200 18.43 -4.45 -19.54
C VAL D 200 18.06 -3.01 -19.25
N MET D 201 18.97 -2.27 -18.61
CA MET D 201 18.72 -0.91 -18.18
C MET D 201 19.47 0.06 -19.06
N PRO D 202 18.80 0.99 -19.74
CA PRO D 202 19.53 2.02 -20.49
C PRO D 202 20.13 3.04 -19.55
N TYR D 203 20.82 4.04 -20.09
CA TYR D 203 21.36 5.11 -19.26
C TYR D 203 20.25 6.10 -18.94
N ILE D 204 19.85 6.17 -17.68
CA ILE D 204 18.80 7.08 -17.23
C ILE D 204 19.44 8.16 -16.37
N ASN D 205 19.29 9.41 -16.78
CA ASN D 205 19.79 10.56 -16.03
C ASN D 205 19.20 11.80 -16.67
N SER D 206 19.35 12.93 -15.98
CA SER D 206 18.96 14.23 -16.51
C SER D 206 20.13 15.00 -17.10
N VAL D 207 21.30 14.39 -17.19
CA VAL D 207 22.47 14.99 -17.82
C VAL D 207 23.07 13.97 -18.77
N PRO D 208 23.69 14.40 -19.88
CA PRO D 208 24.23 13.43 -20.83
C PRO D 208 25.34 12.57 -20.25
N MET D 209 26.11 13.08 -19.29
CA MET D 209 27.13 12.29 -18.61
C MET D 209 27.25 12.76 -17.17
N ASP D 210 27.79 11.89 -16.32
CA ASP D 210 28.01 12.22 -14.92
C ASP D 210 29.19 11.45 -14.39
N ASN D 211 29.77 11.96 -13.30
CA ASN D 211 30.89 11.30 -12.67
C ASN D 211 30.42 10.00 -12.01
N MET D 212 31.14 8.92 -12.28
CA MET D 212 30.72 7.59 -11.86
C MET D 212 31.13 7.24 -10.43
N PHE D 213 31.77 8.15 -9.72
CA PHE D 213 32.22 7.88 -8.36
C PHE D 213 31.40 8.60 -7.30
N ARG D 214 30.79 9.74 -7.63
CA ARG D 214 29.93 10.45 -6.70
C ARG D 214 28.46 10.38 -7.08
N HIS D 215 28.10 9.51 -8.00
CA HIS D 215 26.72 9.35 -8.42
C HIS D 215 26.39 7.87 -8.48
N TYR D 216 25.25 7.49 -7.91
CA TYR D 216 24.73 6.12 -7.97
C TYR D 216 23.58 6.14 -8.96
N ASN D 217 23.83 5.64 -10.18
CA ASN D 217 22.82 5.69 -11.23
C ASN D 217 21.58 4.90 -10.84
N PHE D 218 21.75 3.70 -10.29
CA PHE D 218 20.61 2.90 -9.92
C PHE D 218 21.02 1.86 -8.89
N THR D 219 20.03 1.45 -8.10
CA THR D 219 20.19 0.48 -7.02
C THR D 219 19.44 -0.78 -7.38
N LEU D 220 20.15 -1.92 -7.35
CA LEU D 220 19.56 -3.22 -7.59
C LEU D 220 19.12 -3.82 -6.26
N MET D 221 17.83 -4.03 -6.09
CA MET D 221 17.27 -4.57 -4.86
C MET D 221 16.64 -5.94 -5.10
N ILE D 222 16.97 -6.90 -4.24
CA ILE D 222 16.41 -8.24 -4.28
C ILE D 222 15.70 -8.47 -2.95
N ILE D 223 14.40 -8.78 -3.01
CA ILE D 223 13.56 -8.83 -1.82
C ILE D 223 12.70 -10.09 -1.86
N PRO D 224 12.76 -10.96 -0.83
CA PRO D 224 11.87 -12.13 -0.78
C PRO D 224 10.47 -11.73 -0.31
N PHE D 225 9.47 -11.97 -1.16
CA PHE D 225 8.08 -11.87 -0.74
C PHE D 225 7.48 -13.20 -0.29
N ALA D 226 8.01 -14.32 -0.77
CA ALA D 226 7.66 -15.64 -0.25
C ALA D 226 8.94 -16.26 0.29
N LYS D 227 9.03 -16.39 1.60
CA LYS D 227 10.28 -16.82 2.21
C LYS D 227 10.63 -18.24 1.80
N LEU D 228 11.93 -18.51 1.73
CA LEU D 228 12.40 -19.83 1.34
C LEU D 228 11.93 -20.86 2.35
N GLU D 229 11.38 -21.96 1.85
CA GLU D 229 10.95 -23.06 2.69
C GLU D 229 11.32 -24.38 2.02
N TYR D 230 11.75 -25.34 2.83
CA TYR D 230 12.15 -26.64 2.32
C TYR D 230 12.08 -27.65 3.47
N THR D 231 12.14 -28.93 3.10
CA THR D 231 12.09 -30.03 4.05
C THR D 231 13.52 -30.38 4.48
N GLU D 232 13.62 -31.12 5.60
CA GLU D 232 14.92 -31.47 6.14
C GLU D 232 15.73 -32.36 5.20
N GLN D 233 15.10 -33.00 4.22
CA GLN D 233 15.80 -33.89 3.31
C GLN D 233 16.51 -33.16 2.19
N ALA D 234 16.25 -31.88 2.00
CA ALA D 234 16.73 -31.14 0.84
C ALA D 234 17.95 -30.30 1.20
N SER D 235 18.68 -29.87 0.16
CA SER D 235 19.85 -29.04 0.36
C SER D 235 19.44 -27.69 0.94
N ASN D 236 20.05 -27.33 2.07
CA ASN D 236 19.65 -26.15 2.81
C ASN D 236 20.42 -24.89 2.41
N TYR D 237 21.43 -25.01 1.54
CA TYR D 237 22.24 -23.86 1.12
C TYR D 237 21.82 -23.47 -0.29
N VAL D 238 21.21 -22.29 -0.41
CA VAL D 238 20.73 -21.79 -1.69
C VAL D 238 21.37 -20.44 -1.96
N PRO D 239 22.37 -20.39 -2.84
CA PRO D 239 23.00 -19.11 -3.18
C PRO D 239 22.30 -18.36 -4.29
N ILE D 240 22.37 -17.03 -4.17
CA ILE D 240 21.94 -16.10 -5.21
C ILE D 240 23.17 -15.42 -5.77
N THR D 241 23.27 -15.36 -7.09
CA THR D 241 24.44 -14.78 -7.75
C THR D 241 24.00 -13.70 -8.73
N VAL D 242 24.66 -12.55 -8.68
CA VAL D 242 24.40 -11.43 -9.57
C VAL D 242 25.53 -11.34 -10.58
N THR D 243 25.20 -11.02 -11.83
CA THR D 243 26.18 -10.84 -12.89
C THR D 243 25.77 -9.64 -13.72
N VAL D 244 26.64 -8.63 -13.78
CA VAL D 244 26.32 -7.36 -14.43
C VAL D 244 27.30 -7.11 -15.56
N ALA D 245 26.78 -6.65 -16.70
CA ALA D 245 27.60 -6.36 -17.87
C ALA D 245 27.33 -4.94 -18.34
N PRO D 246 28.33 -4.06 -18.35
CA PRO D 246 28.13 -2.73 -18.94
C PRO D 246 27.84 -2.85 -20.43
N MET D 247 27.12 -1.87 -20.96
CA MET D 247 26.73 -1.89 -22.36
C MET D 247 26.87 -0.50 -22.95
N CYS D 248 27.59 -0.40 -24.06
CA CYS D 248 27.80 0.85 -24.78
C CYS D 248 28.36 1.91 -23.83
N ALA D 249 29.55 1.62 -23.31
CA ALA D 249 30.19 2.43 -22.30
C ALA D 249 31.20 3.37 -22.95
N GLU D 250 31.15 4.64 -22.56
CA GLU D 250 32.09 5.63 -23.07
C GLU D 250 32.46 6.61 -21.97
N TYR D 251 33.62 7.24 -22.12
CA TYR D 251 34.19 8.09 -21.09
C TYR D 251 34.86 9.32 -21.72
N ASN D 252 34.76 10.44 -21.01
CA ASN D 252 35.44 11.68 -21.36
C ASN D 252 36.20 12.22 -20.16
N GLY D 253 37.14 13.12 -20.43
CA GLY D 253 37.85 13.81 -19.37
C GLY D 253 39.00 13.02 -18.79
N LEU D 254 39.94 12.62 -19.63
CA LEU D 254 41.08 11.84 -19.17
C LEU D 254 42.04 12.73 -18.38
N ARG D 255 42.43 12.26 -17.20
CA ARG D 255 43.39 12.93 -16.33
C ARG D 255 43.97 11.87 -15.40
N LEU D 256 44.66 12.31 -14.35
CA LEU D 256 45.26 11.37 -13.44
C LEU D 256 44.19 10.58 -12.67
N ALA D 257 44.60 9.47 -12.08
CA ALA D 257 43.67 8.55 -11.46
C ALA D 257 43.19 9.08 -10.12
N SER D 258 41.89 8.90 -9.85
CA SER D 258 41.33 9.23 -8.55
C SER D 258 41.52 8.06 -7.59
N HIS D 259 41.54 8.38 -6.30
CA HIS D 259 41.81 7.46 -5.19
C HIS D 259 43.24 6.94 -5.22
N GLN D 260 44.00 7.22 -6.27
CA GLN D 260 45.38 6.78 -6.44
C GLN D 260 45.57 5.30 -6.12
N GLY E 1 -9.90 56.47 -24.04
CA GLY E 1 -9.62 55.28 -24.82
C GLY E 1 -10.85 54.45 -25.08
N LEU E 2 -10.65 53.16 -25.31
CA LEU E 2 -11.76 52.27 -25.63
C LEU E 2 -12.61 52.03 -24.38
N PRO E 3 -13.93 52.25 -24.45
CA PRO E 3 -14.78 52.05 -23.26
C PRO E 3 -14.99 50.58 -22.96
N THR E 4 -14.60 50.16 -21.77
CA THR E 4 -14.76 48.78 -21.32
C THR E 4 -15.66 48.74 -20.08
N MET E 5 -15.76 47.56 -19.49
CA MET E 5 -16.64 47.34 -18.34
C MET E 5 -16.15 46.11 -17.59
N LEU E 6 -15.91 46.26 -16.29
CA LEU E 6 -15.38 45.18 -15.47
C LEU E 6 -16.52 44.32 -14.92
N THR E 7 -16.38 43.01 -15.06
CA THR E 7 -17.38 42.04 -14.64
C THR E 7 -16.98 41.38 -13.34
N PRO E 8 -17.89 40.65 -12.70
CA PRO E 8 -17.51 39.88 -11.51
C PRO E 8 -16.41 38.88 -11.83
N GLY E 9 -15.58 38.59 -10.83
CA GLY E 9 -14.40 37.79 -11.04
C GLY E 9 -13.17 38.57 -11.42
N SER E 10 -13.16 39.87 -11.18
CA SER E 10 -12.02 40.72 -11.50
C SER E 10 -11.15 40.90 -10.27
N ASN E 11 -9.83 40.94 -10.49
CA ASN E 11 -8.85 41.05 -9.42
C ASN E 11 -8.97 39.91 -8.41
N GLN E 12 -9.29 38.71 -8.89
CA GLN E 12 -9.30 37.52 -8.05
C GLN E 12 -8.21 36.58 -8.51
N PHE E 13 -7.82 35.68 -7.61
CA PHE E 13 -6.78 34.68 -7.90
C PHE E 13 -7.40 33.30 -7.69
N LEU E 14 -7.82 32.67 -8.78
CA LEU E 14 -8.36 31.32 -8.74
C LEU E 14 -7.26 30.33 -9.08
N THR E 15 -7.04 29.37 -8.19
CA THR E 15 -5.86 28.51 -8.32
C THR E 15 -5.96 27.51 -9.46
N SER E 16 -6.96 27.57 -10.33
CA SER E 16 -7.08 26.62 -11.44
C SER E 16 -7.51 27.34 -12.71
N ASP E 17 -6.88 28.47 -13.01
CA ASP E 17 -7.17 29.23 -14.21
C ASP E 17 -6.01 29.17 -15.20
N ASP E 18 -6.27 29.61 -16.43
CA ASP E 18 -5.28 29.60 -17.50
C ASP E 18 -5.25 31.00 -18.13
N PHE E 19 -4.35 31.84 -17.62
CA PHE E 19 -4.14 33.17 -18.16
C PHE E 19 -2.67 33.36 -18.48
N GLN E 20 -2.40 34.24 -19.44
CA GLN E 20 -1.03 34.56 -19.79
C GLN E 20 -0.46 35.56 -18.77
N SER E 21 0.87 35.67 -18.75
CA SER E 21 1.54 36.51 -17.77
C SER E 21 2.91 36.88 -18.30
N PRO E 22 3.41 38.08 -17.99
CA PRO E 22 4.72 38.48 -18.50
C PRO E 22 5.84 37.63 -17.93
N SER E 23 6.89 37.45 -18.72
CA SER E 23 8.04 36.68 -18.31
C SER E 23 9.03 37.55 -17.57
N ALA E 24 9.54 37.05 -16.45
CA ALA E 24 10.51 37.81 -15.66
C ALA E 24 11.90 37.81 -16.29
N MET E 25 12.17 36.86 -17.18
CA MET E 25 13.49 36.69 -17.78
C MET E 25 13.33 36.68 -19.29
N PRO E 26 13.19 37.85 -19.91
CA PRO E 26 12.95 37.90 -21.35
C PRO E 26 14.12 37.33 -22.15
N GLN E 27 13.77 36.66 -23.25
CA GLN E 27 14.76 36.09 -24.19
C GLN E 27 15.68 35.09 -23.51
N PHE E 28 15.20 34.42 -22.47
CA PHE E 28 16.01 33.41 -21.81
C PHE E 28 16.23 32.22 -22.73
N ASP E 29 17.46 31.69 -22.71
CA ASP E 29 17.86 30.59 -23.59
C ASP E 29 17.77 29.29 -22.81
N VAL E 30 16.67 28.56 -23.01
CA VAL E 30 16.43 27.33 -22.26
C VAL E 30 17.34 26.22 -22.78
N THR E 31 17.94 25.48 -21.86
CA THR E 31 18.84 24.41 -22.24
C THR E 31 18.10 23.34 -23.04
N PRO E 32 18.75 22.74 -24.04
CA PRO E 32 18.06 21.77 -24.88
C PRO E 32 17.55 20.59 -24.07
N GLU E 33 16.39 20.07 -24.49
CA GLU E 33 15.85 18.86 -23.89
C GLU E 33 16.36 17.65 -24.67
N MET E 34 16.77 16.63 -23.94
CA MET E 34 17.27 15.40 -24.54
C MET E 34 16.23 14.29 -24.34
N LYS E 35 16.60 13.09 -24.78
CA LYS E 35 15.74 11.91 -24.65
C LYS E 35 16.06 11.22 -23.33
N ILE E 36 15.09 11.20 -22.43
CA ILE E 36 15.21 10.48 -21.16
C ILE E 36 14.18 9.36 -21.17
N PRO E 37 14.59 8.11 -20.98
CA PRO E 37 13.62 7.00 -21.07
C PRO E 37 12.59 7.04 -19.96
N GLY E 38 11.40 6.56 -20.27
CA GLY E 38 10.35 6.40 -19.29
C GLY E 38 9.53 7.66 -19.06
N GLU E 39 9.06 8.28 -20.14
CA GLU E 39 8.26 9.49 -20.03
C GLU E 39 6.81 9.14 -19.75
N VAL E 40 6.22 9.88 -18.81
CA VAL E 40 4.81 9.72 -18.45
C VAL E 40 4.01 10.82 -19.11
N HIS E 41 2.94 10.44 -19.80
CA HIS E 41 2.02 11.41 -20.38
C HIS E 41 0.67 11.45 -19.67
N ASN E 42 0.30 10.37 -18.97
CA ASN E 42 -0.98 10.28 -18.30
C ASN E 42 -0.78 9.47 -17.03
N LEU E 43 -1.51 9.83 -15.97
CA LEU E 43 -1.37 9.08 -14.72
C LEU E 43 -1.94 7.67 -14.82
N MET E 44 -2.85 7.42 -15.76
CA MET E 44 -3.38 6.08 -15.89
C MET E 44 -2.37 5.11 -16.47
N GLU E 45 -1.23 5.61 -16.97
CA GLU E 45 -0.11 4.74 -17.29
C GLU E 45 0.51 4.12 -16.05
N ILE E 46 0.32 4.74 -14.89
CA ILE E 46 0.86 4.23 -13.63
C ILE E 46 -0.14 3.31 -12.94
N ALA E 47 -1.43 3.66 -12.95
CA ALA E 47 -2.43 2.81 -12.33
C ALA E 47 -2.63 1.50 -13.07
N GLU E 48 -2.17 1.42 -14.32
CA GLU E 48 -2.28 0.21 -15.12
C GLU E 48 -1.08 -0.70 -14.96
N VAL E 49 -0.32 -0.55 -13.87
CA VAL E 49 0.86 -1.36 -13.59
C VAL E 49 0.59 -2.18 -12.34
N ASP E 50 0.87 -3.47 -12.40
CA ASP E 50 0.57 -4.38 -11.29
C ASP E 50 1.33 -3.94 -10.04
N SER E 51 0.65 -4.05 -8.90
CA SER E 51 1.23 -3.70 -7.61
C SER E 51 0.75 -4.70 -6.58
N VAL E 52 1.65 -5.08 -5.66
CA VAL E 52 1.33 -6.13 -4.70
C VAL E 52 0.37 -5.57 -3.66
N VAL E 53 -0.71 -6.31 -3.41
CA VAL E 53 -1.81 -5.85 -2.58
C VAL E 53 -1.73 -6.55 -1.23
N PRO E 54 -1.67 -5.83 -0.12
CA PRO E 54 -1.57 -6.45 1.22
C PRO E 54 -2.92 -6.92 1.75
N VAL E 55 -3.35 -8.08 1.26
CA VAL E 55 -4.65 -8.63 1.66
C VAL E 55 -4.62 -9.08 3.10
N ASN E 56 -3.50 -9.64 3.55
CA ASN E 56 -3.37 -10.16 4.92
C ASN E 56 -2.94 -9.08 5.90
N ASN E 57 -3.67 -7.97 5.94
CA ASN E 57 -3.27 -6.81 6.73
C ASN E 57 -3.99 -6.79 8.07
N THR E 58 -3.70 -7.80 8.89
CA THR E 58 -4.24 -7.85 10.23
C THR E 58 -3.42 -6.94 11.15
N LYS E 59 -3.63 -7.08 12.46
CA LYS E 59 -2.97 -6.18 13.41
C LYS E 59 -1.45 -6.37 13.40
N GLU E 60 -0.97 -7.62 13.36
CA GLU E 60 0.46 -7.87 13.44
C GLU E 60 1.15 -7.76 12.10
N ASN E 61 0.45 -8.02 11.00
CA ASN E 61 1.10 -8.18 9.70
C ASN E 61 1.37 -6.86 8.98
N ILE E 62 0.75 -5.76 9.41
CA ILE E 62 0.96 -4.49 8.73
C ILE E 62 2.40 -4.01 8.87
N ASN E 63 3.09 -4.41 9.94
CA ASN E 63 4.47 -4.00 10.19
C ASN E 63 5.48 -5.07 9.76
N SER E 64 5.17 -5.84 8.73
CA SER E 64 6.08 -6.85 8.21
C SER E 64 5.68 -7.18 6.80
N MET E 65 6.38 -8.14 6.19
CA MET E 65 6.01 -8.63 4.88
C MET E 65 4.88 -9.64 4.93
N GLU E 66 4.50 -10.11 6.12
CA GLU E 66 3.41 -11.06 6.24
C GLU E 66 2.10 -10.48 5.74
N ALA E 67 1.99 -9.15 5.64
CA ALA E 67 0.80 -8.53 5.08
C ALA E 67 0.60 -8.89 3.62
N TYR E 68 1.66 -9.24 2.90
CA TYR E 68 1.55 -9.49 1.48
C TYR E 68 1.31 -10.95 1.13
N ARG E 69 1.35 -11.86 2.10
CA ARG E 69 1.28 -13.29 1.87
C ARG E 69 -0.08 -13.82 2.29
N ILE E 70 -0.73 -14.57 1.40
CA ILE E 70 -2.00 -15.22 1.68
C ILE E 70 -1.72 -16.71 1.88
N PRO E 71 -1.90 -17.26 3.07
CA PRO E 71 -1.50 -18.64 3.31
C PRO E 71 -2.53 -19.65 2.84
N VAL E 72 -2.05 -20.80 2.36
CA VAL E 72 -2.90 -21.91 1.96
C VAL E 72 -2.34 -23.20 2.54
N THR E 73 -3.24 -24.08 2.99
CA THR E 73 -2.87 -25.32 3.66
C THR E 73 -3.56 -26.48 2.96
N GLY E 74 -2.97 -27.67 3.09
CA GLY E 74 -3.41 -28.80 2.29
C GLY E 74 -4.22 -29.87 2.96
N GLY E 75 -4.86 -29.58 4.09
CA GLY E 75 -5.66 -30.59 4.75
C GLY E 75 -7.02 -30.77 4.10
N ASP E 76 -8.07 -30.93 4.91
CA ASP E 76 -9.43 -30.91 4.42
C ASP E 76 -9.95 -29.49 4.58
N GLN E 77 -9.63 -28.65 3.60
CA GLN E 77 -9.91 -27.21 3.66
C GLN E 77 -11.14 -26.85 2.85
N LEU E 78 -12.13 -27.74 2.78
CA LEU E 78 -13.28 -27.50 1.91
C LEU E 78 -14.24 -26.47 2.48
N HIS E 79 -14.16 -26.17 3.77
CA HIS E 79 -15.09 -25.25 4.42
C HIS E 79 -14.44 -23.94 4.83
N THR E 80 -13.17 -23.73 4.51
CA THR E 80 -12.46 -22.52 4.90
C THR E 80 -12.42 -21.54 3.75
N GLN E 81 -12.37 -20.26 4.10
CA GLN E 81 -12.32 -19.18 3.12
C GLN E 81 -10.89 -18.64 3.07
N VAL E 82 -10.31 -18.61 1.88
CA VAL E 82 -8.93 -18.15 1.75
C VAL E 82 -8.83 -16.67 2.10
N PHE E 83 -9.68 -15.84 1.51
CA PHE E 83 -9.73 -14.42 1.84
C PHE E 83 -11.05 -13.87 1.33
N GLY E 84 -11.37 -12.67 1.80
CA GLY E 84 -12.55 -11.95 1.34
C GLY E 84 -12.51 -10.50 1.75
N PHE E 85 -12.80 -9.59 0.81
CA PHE E 85 -12.77 -8.17 1.12
C PHE E 85 -13.72 -7.41 0.21
N GLN E 86 -14.12 -6.22 0.66
CA GLN E 86 -14.96 -5.36 -0.16
C GLN E 86 -14.19 -4.83 -1.36
N MET E 87 -14.93 -4.59 -2.45
CA MET E 87 -14.35 -3.99 -3.65
C MET E 87 -14.46 -2.47 -3.51
N GLN E 88 -13.39 -1.86 -3.03
CA GLN E 88 -13.33 -0.41 -2.84
C GLN E 88 -11.93 0.06 -3.17
N PRO E 89 -11.64 0.29 -4.45
CA PRO E 89 -10.25 0.58 -4.87
C PRO E 89 -9.65 1.81 -4.21
N GLY E 90 -10.48 2.76 -3.76
CA GLY E 90 -9.94 3.99 -3.22
C GLY E 90 -9.99 4.09 -1.71
N LEU E 91 -11.08 3.65 -1.11
CA LEU E 91 -11.29 3.72 0.34
C LEU E 91 -11.42 2.30 0.85
N ASN E 92 -10.28 1.69 1.17
CA ASN E 92 -10.23 0.35 1.75
C ASN E 92 -8.79 0.09 2.18
N SER E 93 -8.63 -0.46 3.39
CA SER E 93 -7.29 -0.68 3.92
C SER E 93 -6.48 -1.63 3.05
N VAL E 94 -7.14 -2.43 2.22
CA VAL E 94 -6.42 -3.38 1.38
C VAL E 94 -5.90 -2.70 0.12
N PHE E 95 -6.66 -1.76 -0.44
CA PHE E 95 -6.37 -1.19 -1.74
C PHE E 95 -5.86 0.24 -1.72
N LYS E 96 -6.11 1.00 -0.65
CA LYS E 96 -5.91 2.44 -0.71
C LYS E 96 -4.45 2.84 -0.77
N ARG E 97 -3.52 1.94 -0.44
CA ARG E 97 -2.10 2.28 -0.43
C ARG E 97 -1.33 1.69 -1.60
N THR E 98 -1.97 0.91 -2.46
CA THR E 98 -1.28 0.33 -3.59
C THR E 98 -1.06 1.39 -4.68
N LEU E 99 -0.35 0.98 -5.74
CA LEU E 99 -0.05 1.91 -6.83
C LEU E 99 -1.32 2.37 -7.54
N LEU E 100 -2.44 1.69 -7.33
CA LEU E 100 -3.72 2.09 -7.89
C LEU E 100 -4.48 3.01 -6.93
N GLY E 101 -4.61 2.58 -5.67
CA GLY E 101 -5.33 3.38 -4.70
C GLY E 101 -4.68 4.73 -4.44
N GLU E 102 -3.36 4.80 -4.54
CA GLU E 102 -2.68 6.07 -4.36
C GLU E 102 -3.07 7.06 -5.46
N ILE E 103 -3.19 6.57 -6.69
CA ILE E 103 -3.61 7.42 -7.80
C ILE E 103 -5.08 7.82 -7.65
N LEU E 104 -5.94 6.86 -7.31
CA LEU E 104 -7.35 7.21 -7.09
C LEU E 104 -7.55 8.19 -5.94
N ASN E 105 -6.65 8.20 -4.96
CA ASN E 105 -6.85 9.09 -3.83
C ASN E 105 -6.65 10.56 -4.18
N TYR E 106 -6.14 10.90 -5.35
CA TYR E 106 -6.03 12.34 -5.67
C TYR E 106 -7.21 12.72 -6.55
N TYR E 107 -8.23 11.87 -6.61
CA TYR E 107 -9.39 12.11 -7.51
C TYR E 107 -10.63 11.67 -6.75
N ALA E 108 -11.81 12.24 -7.04
CA ALA E 108 -13.00 11.89 -6.23
C ALA E 108 -13.93 10.92 -6.96
N HIS E 109 -13.76 10.74 -8.27
CA HIS E 109 -14.68 9.89 -9.05
C HIS E 109 -13.85 8.93 -9.89
N TRP E 110 -14.19 7.65 -9.90
CA TRP E 110 -13.50 6.62 -10.66
C TRP E 110 -14.53 5.73 -11.34
N SER E 111 -14.09 5.05 -12.40
CA SER E 111 -15.00 4.18 -13.14
C SER E 111 -14.21 3.27 -14.06
N GLY E 112 -14.41 1.97 -13.93
CA GLY E 112 -13.79 1.03 -14.84
C GLY E 112 -13.71 -0.36 -14.26
N SER E 113 -13.09 -1.25 -15.03
CA SER E 113 -12.83 -2.61 -14.61
C SER E 113 -11.46 -2.71 -13.94
N VAL E 114 -11.30 -3.72 -13.09
CA VAL E 114 -10.09 -3.86 -12.28
C VAL E 114 -9.57 -5.29 -12.40
N LYS E 115 -8.28 -5.44 -12.68
CA LYS E 115 -7.65 -6.75 -12.78
C LYS E 115 -7.01 -7.13 -11.44
N LEU E 116 -7.23 -8.38 -11.03
CA LEU E 116 -6.61 -8.94 -9.84
C LEU E 116 -5.87 -10.21 -10.25
N THR E 117 -4.55 -10.17 -10.23
CA THR E 117 -3.72 -11.31 -10.60
C THR E 117 -3.24 -12.01 -9.34
N PHE E 118 -3.50 -13.31 -9.25
CA PHE E 118 -3.09 -14.13 -8.12
C PHE E 118 -1.97 -15.07 -8.58
N VAL E 119 -0.91 -15.14 -7.78
CA VAL E 119 0.29 -15.89 -8.12
C VAL E 119 0.53 -16.91 -7.02
N PHE E 120 0.69 -18.17 -7.41
CA PHE E 120 0.95 -19.25 -6.47
C PHE E 120 2.46 -19.39 -6.31
N CYS E 121 2.96 -19.12 -5.11
CA CYS E 121 4.39 -19.18 -4.82
C CYS E 121 4.78 -20.44 -4.04
N GLY E 122 4.09 -21.55 -4.28
CA GLY E 122 4.43 -22.80 -3.66
C GLY E 122 5.53 -23.53 -4.41
N SER E 123 5.71 -24.80 -4.07
CA SER E 123 6.70 -25.61 -4.75
C SER E 123 6.18 -26.05 -6.12
N ALA E 124 7.09 -26.56 -6.95
CA ALA E 124 6.71 -26.98 -8.29
C ALA E 124 5.96 -28.30 -8.29
N MET E 125 5.91 -29.01 -7.17
CA MET E 125 5.17 -30.25 -7.06
C MET E 125 3.83 -30.08 -6.35
N ALA E 126 3.51 -28.88 -5.88
CA ALA E 126 2.23 -28.62 -5.24
C ALA E 126 1.20 -28.27 -6.30
N THR E 127 0.03 -28.88 -6.20
CA THR E 127 -1.06 -28.66 -7.14
C THR E 127 -2.34 -28.39 -6.37
N GLY E 128 -3.23 -27.61 -6.98
CA GLY E 128 -4.50 -27.32 -6.36
C GLY E 128 -5.43 -26.60 -7.33
N LYS E 129 -6.64 -26.39 -6.86
CA LYS E 129 -7.63 -25.63 -7.61
C LYS E 129 -8.38 -24.72 -6.65
N PHE E 130 -8.57 -23.47 -7.06
CA PHE E 130 -9.23 -22.47 -6.25
C PHE E 130 -10.40 -21.86 -7.00
N LEU E 131 -11.32 -21.27 -6.25
CA LEU E 131 -12.46 -20.55 -6.82
C LEU E 131 -12.34 -19.10 -6.39
N LEU E 132 -12.18 -18.21 -7.37
CA LEU E 132 -12.03 -16.77 -7.13
C LEU E 132 -13.32 -16.11 -7.59
N ALA E 133 -14.09 -15.59 -6.64
CA ALA E 133 -15.44 -15.12 -6.94
C ALA E 133 -15.58 -13.63 -6.66
N TYR E 134 -16.43 -12.99 -7.45
CA TYR E 134 -16.85 -11.61 -7.23
C TYR E 134 -18.37 -11.59 -7.14
N SER E 135 -18.89 -10.89 -6.15
CA SER E 135 -20.32 -10.85 -5.87
C SER E 135 -20.80 -9.41 -5.86
N PRO E 136 -21.67 -8.99 -6.78
CA PRO E 136 -22.15 -7.61 -6.80
C PRO E 136 -23.00 -7.30 -5.59
N PRO E 137 -23.24 -6.02 -5.31
CA PRO E 137 -24.01 -5.66 -4.11
C PRO E 137 -25.48 -6.03 -4.25
N GLY E 138 -26.21 -5.85 -3.15
CA GLY E 138 -27.62 -6.16 -3.07
C GLY E 138 -27.92 -7.33 -2.16
N ALA E 139 -26.94 -8.17 -1.85
CA ALA E 139 -27.13 -9.31 -0.96
C ALA E 139 -25.96 -9.36 0.00
N SER E 140 -26.11 -10.20 1.03
CA SER E 140 -25.04 -10.37 2.00
C SER E 140 -23.84 -11.06 1.36
N PRO E 141 -22.64 -10.86 1.90
CA PRO E 141 -21.46 -11.54 1.37
C PRO E 141 -21.62 -13.05 1.47
N PRO E 142 -21.11 -13.80 0.49
CA PRO E 142 -21.24 -15.25 0.54
C PRO E 142 -20.53 -15.84 1.75
N GLN E 143 -21.15 -16.89 2.31
CA GLN E 143 -20.62 -17.57 3.49
C GLN E 143 -19.92 -18.88 3.16
N ASN E 144 -20.09 -19.41 1.94
CA ASN E 144 -19.46 -20.66 1.56
C ASN E 144 -19.39 -20.74 0.04
N ARG E 145 -18.69 -21.77 -0.44
CA ARG E 145 -18.49 -21.92 -1.89
C ARG E 145 -19.82 -22.12 -2.60
N LYS E 146 -20.75 -22.84 -1.97
CA LYS E 146 -22.06 -23.05 -2.55
C LYS E 146 -22.80 -21.74 -2.77
N GLN E 147 -22.52 -20.73 -1.94
CA GLN E 147 -23.11 -19.41 -2.11
C GLN E 147 -22.29 -18.52 -3.04
N ALA E 148 -20.97 -18.69 -3.04
CA ALA E 148 -20.09 -17.82 -3.81
C ALA E 148 -19.96 -18.24 -5.26
N MET E 149 -20.40 -19.45 -5.62
CA MET E 149 -20.35 -19.85 -7.02
C MET E 149 -21.39 -19.13 -7.86
N LEU E 150 -22.35 -18.45 -7.24
CA LEU E 150 -23.44 -17.81 -7.97
C LEU E 150 -23.06 -16.44 -8.52
N GLY E 151 -21.87 -15.94 -8.23
CA GLY E 151 -21.40 -14.69 -8.78
C GLY E 151 -20.43 -14.90 -9.92
N THR E 152 -19.78 -13.81 -10.32
CA THR E 152 -18.78 -13.88 -11.39
C THR E 152 -17.54 -14.57 -10.84
N HIS E 153 -17.37 -15.85 -11.14
CA HIS E 153 -16.29 -16.61 -10.56
C HIS E 153 -15.40 -17.21 -11.64
N VAL E 154 -14.15 -17.47 -11.25
CA VAL E 154 -13.16 -18.14 -12.08
C VAL E 154 -12.61 -19.31 -11.29
N ILE E 155 -12.47 -20.46 -11.96
CA ILE E 155 -11.88 -21.64 -11.35
C ILE E 155 -10.44 -21.72 -11.84
N TRP E 156 -9.51 -21.53 -10.92
CA TRP E 156 -8.09 -21.44 -11.22
C TRP E 156 -7.42 -22.77 -10.87
N ASP E 157 -6.77 -23.38 -11.85
CA ASP E 157 -6.09 -24.65 -11.69
C ASP E 157 -4.59 -24.39 -11.68
N VAL E 158 -3.96 -24.52 -10.52
CA VAL E 158 -2.53 -24.24 -10.41
C VAL E 158 -1.74 -25.31 -11.14
N GLY E 159 -0.87 -24.88 -12.06
CA GLY E 159 -0.08 -25.80 -12.86
C GLY E 159 1.20 -25.16 -13.32
N LEU E 160 1.55 -25.39 -14.59
CA LEU E 160 2.82 -24.88 -15.11
C LEU E 160 2.84 -23.35 -15.13
N GLN E 161 1.73 -22.74 -15.52
CA GLN E 161 1.60 -21.28 -15.44
C GLN E 161 1.06 -20.91 -14.06
N SER E 162 1.73 -19.95 -13.41
CA SER E 162 1.51 -19.70 -12.00
C SER E 162 0.45 -18.63 -11.72
N SER E 163 0.24 -17.70 -12.64
CA SER E 163 -0.64 -16.56 -12.39
C SER E 163 -2.01 -16.79 -13.02
N CYS E 164 -3.04 -16.36 -12.33
CA CYS E 164 -4.40 -16.35 -12.85
C CYS E 164 -5.01 -14.98 -12.63
N VAL E 165 -5.77 -14.50 -13.61
CA VAL E 165 -6.34 -13.16 -13.59
C VAL E 165 -7.84 -13.26 -13.36
N LEU E 166 -8.33 -12.55 -12.36
CA LEU E 166 -9.77 -12.35 -12.15
C LEU E 166 -10.08 -10.90 -12.47
N CYS E 167 -10.97 -10.69 -13.43
CA CYS E 167 -11.27 -9.34 -13.92
C CYS E 167 -12.62 -8.91 -13.35
N ILE E 168 -12.59 -8.02 -12.38
CA ILE E 168 -13.80 -7.44 -11.82
C ILE E 168 -14.36 -6.46 -12.84
N PRO E 169 -15.55 -6.69 -13.36
CA PRO E 169 -16.11 -5.85 -14.42
C PRO E 169 -16.79 -4.62 -13.83
N TRP E 170 -17.35 -3.82 -14.71
CA TRP E 170 -18.09 -2.62 -14.32
C TRP E 170 -19.58 -2.94 -14.33
N ILE E 171 -20.16 -3.06 -13.15
CA ILE E 171 -21.60 -3.24 -12.99
C ILE E 171 -22.04 -2.23 -11.94
N SER E 172 -22.61 -1.12 -12.39
CA SER E 172 -23.16 -0.12 -11.49
C SER E 172 -24.32 0.58 -12.18
N GLN E 173 -25.18 1.19 -11.38
CA GLN E 173 -26.28 1.98 -11.94
C GLN E 173 -25.85 3.39 -12.30
N THR E 174 -24.64 3.80 -11.93
CA THR E 174 -24.10 5.11 -12.25
C THR E 174 -22.86 4.95 -13.10
N HIS E 175 -22.58 5.96 -13.93
CA HIS E 175 -21.40 5.90 -14.78
C HIS E 175 -20.12 5.92 -13.96
N TYR E 176 -20.05 6.77 -12.95
CA TYR E 176 -18.90 6.88 -12.08
C TYR E 176 -19.29 6.52 -10.65
N ARG E 177 -18.28 6.11 -9.88
CA ARG E 177 -18.44 5.89 -8.45
C ARG E 177 -17.62 6.91 -7.69
N LEU E 178 -17.78 6.91 -6.37
CA LEU E 178 -17.04 7.81 -5.49
C LEU E 178 -15.86 7.05 -4.89
N VAL E 179 -14.69 7.68 -4.88
CA VAL E 179 -13.55 7.09 -4.20
C VAL E 179 -13.85 6.92 -2.72
N GLN E 180 -14.42 7.94 -2.10
CA GLN E 180 -14.93 7.83 -0.73
C GLN E 180 -16.25 7.08 -0.80
N GLN E 181 -16.16 5.75 -0.81
CA GLN E 181 -17.33 4.91 -1.07
C GLN E 181 -18.36 5.06 0.04
N ASP E 182 -19.61 4.81 -0.30
CA ASP E 182 -20.73 4.86 0.63
C ASP E 182 -21.62 3.65 0.41
N GLU E 183 -22.78 3.64 1.07
CA GLU E 183 -23.74 2.57 0.91
C GLU E 183 -24.49 2.65 -0.42
N TYR E 184 -24.41 3.78 -1.11
CA TYR E 184 -25.16 4.01 -2.33
C TYR E 184 -24.39 3.65 -3.60
N THR E 185 -23.06 3.61 -3.53
CA THR E 185 -22.21 3.28 -4.67
C THR E 185 -21.38 2.03 -4.39
N SER E 186 -21.93 1.10 -3.62
CA SER E 186 -21.19 -0.09 -3.23
C SER E 186 -20.84 -0.93 -4.46
N ALA E 187 -19.75 -1.69 -4.35
CA ALA E 187 -19.22 -2.44 -5.48
C ALA E 187 -19.09 -3.93 -5.24
N GLY E 188 -19.54 -4.45 -4.10
CA GLY E 188 -19.58 -5.88 -3.89
C GLY E 188 -18.38 -6.41 -3.11
N TYR E 189 -18.18 -7.72 -3.24
CA TYR E 189 -17.16 -8.41 -2.46
C TYR E 189 -16.35 -9.35 -3.36
N VAL E 190 -15.10 -9.56 -2.97
CA VAL E 190 -14.18 -10.46 -3.66
C VAL E 190 -13.75 -11.53 -2.66
N THR E 191 -13.94 -12.80 -3.01
CA THR E 191 -13.71 -13.91 -2.11
C THR E 191 -12.94 -15.01 -2.80
N CYS E 192 -12.29 -15.86 -2.01
CA CYS E 192 -11.57 -17.02 -2.53
C CYS E 192 -11.89 -18.26 -1.71
N TRP E 193 -11.95 -19.40 -2.38
CA TRP E 193 -12.29 -20.66 -1.74
C TRP E 193 -11.49 -21.79 -2.37
N TYR E 194 -11.46 -22.93 -1.70
CA TYR E 194 -10.79 -24.13 -2.22
C TYR E 194 -11.74 -24.89 -3.11
N GLN E 195 -11.38 -25.04 -4.39
CA GLN E 195 -12.18 -25.87 -5.29
C GLN E 195 -12.02 -27.34 -4.94
N THR E 196 -10.79 -27.85 -5.02
CA THR E 196 -10.48 -29.21 -4.59
C THR E 196 -9.57 -29.24 -3.37
N GLY E 197 -8.41 -28.62 -3.43
CA GLY E 197 -7.51 -28.62 -2.31
C GLY E 197 -6.04 -28.67 -2.72
N LEU E 198 -5.15 -28.31 -1.81
CA LEU E 198 -3.72 -28.30 -2.09
C LEU E 198 -3.10 -29.63 -1.69
N ILE E 199 -2.47 -30.30 -2.65
CA ILE E 199 -1.92 -31.63 -2.45
C ILE E 199 -0.45 -31.61 -2.83
N VAL E 200 0.41 -32.15 -1.97
CA VAL E 200 1.85 -32.14 -2.18
C VAL E 200 2.39 -33.56 -2.09
N PRO E 201 3.52 -33.87 -2.71
CA PRO E 201 4.09 -35.21 -2.60
C PRO E 201 4.84 -35.36 -1.28
N PRO E 202 5.34 -36.55 -0.97
CA PRO E 202 6.17 -36.68 0.23
C PRO E 202 7.51 -36.02 0.06
N GLY E 203 7.71 -34.88 0.72
CA GLY E 203 8.95 -34.14 0.63
C GLY E 203 8.75 -32.65 0.45
N ALA E 204 7.70 -32.26 -0.27
CA ALA E 204 7.42 -30.85 -0.47
C ALA E 204 6.80 -30.25 0.80
N PRO E 205 7.03 -28.96 1.05
CA PRO E 205 6.36 -28.30 2.16
C PRO E 205 4.85 -28.36 2.00
N PRO E 206 4.11 -28.61 3.08
CA PRO E 206 2.66 -28.81 2.95
C PRO E 206 1.86 -27.52 2.89
N SER E 207 2.42 -26.40 3.32
CA SER E 207 1.74 -25.11 3.29
C SER E 207 2.42 -24.19 2.29
N CYS E 208 1.63 -23.43 1.55
CA CYS E 208 2.13 -22.55 0.50
C CYS E 208 1.57 -21.16 0.71
N THR E 209 1.99 -20.23 -0.15
CA THR E 209 1.55 -18.84 -0.09
C THR E 209 1.11 -18.37 -1.48
N ILE E 210 0.26 -17.36 -1.47
CA ILE E 210 -0.23 -16.71 -2.68
C ILE E 210 0.06 -15.22 -2.55
N LEU E 211 0.37 -14.59 -3.67
CA LEU E 211 0.55 -13.15 -3.75
C LEU E 211 -0.51 -12.55 -4.66
N CYS E 212 -0.97 -11.35 -4.32
CA CYS E 212 -2.04 -10.69 -5.06
C CYS E 212 -1.54 -9.36 -5.63
N PHE E 213 -1.88 -9.12 -6.90
CA PHE E 213 -1.55 -7.88 -7.61
C PHE E 213 -2.84 -7.27 -8.14
N ALA E 214 -2.90 -5.94 -8.15
CA ALA E 214 -4.09 -5.26 -8.66
C ALA E 214 -3.68 -4.16 -9.64
N SER E 215 -4.39 -4.09 -10.76
CA SER E 215 -4.18 -3.02 -11.74
C SER E 215 -5.52 -2.65 -12.35
N ALA E 216 -5.48 -1.69 -13.27
CA ALA E 216 -6.66 -1.20 -13.96
C ALA E 216 -6.69 -1.69 -15.40
N CYS E 217 -7.90 -1.86 -15.93
CA CYS E 217 -8.07 -2.28 -17.32
C CYS E 217 -7.92 -1.08 -18.24
N ASN E 218 -8.17 -1.29 -19.54
CA ASN E 218 -8.06 -0.23 -20.54
C ASN E 218 -9.31 0.62 -20.64
N ASP E 219 -10.20 0.56 -19.65
CA ASP E 219 -11.40 1.38 -19.61
C ASP E 219 -11.57 2.03 -18.25
N PHE E 220 -10.47 2.23 -17.53
CA PHE E 220 -10.49 2.87 -16.23
C PHE E 220 -10.28 4.37 -16.40
N SER E 221 -11.06 5.16 -15.66
CA SER E 221 -11.00 6.61 -15.73
C SER E 221 -11.21 7.19 -14.34
N VAL E 222 -10.64 8.37 -14.13
CA VAL E 222 -10.78 9.11 -12.88
C VAL E 222 -11.02 10.57 -13.22
N ARG E 223 -11.80 11.25 -12.36
CA ARG E 223 -12.12 12.68 -12.60
C ARG E 223 -12.24 13.42 -11.25
N MET E 224 -12.47 14.74 -11.27
CA MET E 224 -12.63 15.57 -10.03
C MET E 224 -11.38 15.57 -9.16
N LEU E 225 -10.31 16.20 -9.61
CA LEU E 225 -9.02 16.21 -8.86
C LEU E 225 -9.23 16.78 -7.47
N ARG E 226 -8.69 16.12 -6.45
CA ARG E 226 -8.84 16.56 -5.05
C ARG E 226 -7.49 16.41 -4.35
N ASP E 227 -7.41 16.72 -3.05
CA ASP E 227 -6.18 16.50 -2.31
C ASP E 227 -6.16 15.09 -1.73
N THR E 228 -4.96 14.55 -1.57
CA THR E 228 -5.03 13.22 -1.00
C THR E 228 -5.10 13.28 0.52
N PRO E 229 -5.91 12.43 1.15
CA PRO E 229 -6.00 12.39 2.62
C PRO E 229 -4.95 11.47 3.23
N PHE E 230 -3.72 11.58 2.75
CA PHE E 230 -2.63 10.69 3.16
C PHE E 230 -1.42 11.44 3.70
N ILE E 231 -1.22 12.70 3.32
CA ILE E 231 -0.06 13.47 3.72
C ILE E 231 -0.55 14.73 4.43
N GLU E 232 0.12 15.10 5.51
CA GLU E 232 -0.25 16.27 6.29
C GLU E 232 0.96 16.72 7.10
N GLN E 233 0.95 17.99 7.50
CA GLN E 233 2.04 18.56 8.29
C GLN E 233 1.46 19.51 9.32
N THR E 234 2.23 19.72 10.39
CA THR E 234 1.86 20.61 11.48
C THR E 234 2.47 22.00 11.34
N GLN E 235 3.73 22.09 10.91
CA GLN E 235 4.40 23.37 10.73
C GLN E 235 5.24 23.29 9.47
N LEU E 236 5.73 24.46 9.04
CA LEU E 236 6.57 24.53 7.85
C LEU E 236 7.84 23.71 8.06
N LEU E 237 8.16 22.86 7.08
CA LEU E 237 9.32 22.00 7.19
C LEU E 237 10.60 22.81 7.05
N GLN E 238 11.55 22.57 7.93
CA GLN E 238 12.86 23.20 7.86
C GLN E 238 13.97 22.22 8.22
N MET F 1 -2.59 39.63 -37.19
CA MET F 1 -3.61 38.94 -36.35
C MET F 1 -3.47 37.44 -36.54
N GLY F 2 -2.49 36.82 -35.88
CA GLY F 2 -2.38 35.36 -35.93
C GLY F 2 -3.30 34.77 -34.88
N ALA F 3 -4.60 35.01 -35.03
CA ALA F 3 -5.59 34.50 -34.06
C ALA F 3 -5.85 33.04 -34.36
N GLN F 4 -5.83 32.20 -33.33
CA GLN F 4 -6.00 30.77 -33.53
C GLN F 4 -7.35 30.34 -32.99
N VAL F 5 -8.15 29.70 -33.83
CA VAL F 5 -9.46 29.20 -33.46
C VAL F 5 -9.33 27.69 -33.22
N SER F 6 -9.50 27.28 -31.97
CA SER F 6 -9.43 25.89 -31.58
C SER F 6 -10.82 25.40 -31.20
N THR F 7 -10.91 24.18 -30.69
CA THR F 7 -12.17 23.58 -30.31
C THR F 7 -12.25 23.43 -28.79
N GLN F 8 -13.45 23.60 -28.26
CA GLN F 8 -13.70 23.55 -26.83
C GLN F 8 -14.00 22.13 -26.37
N LYS F 9 -13.68 21.86 -25.11
CA LYS F 9 -13.94 20.57 -24.51
C LYS F 9 -15.41 20.49 -24.09
N THR F 10 -16.16 19.59 -24.72
CA THR F 10 -17.58 19.42 -24.43
C THR F 10 -17.87 17.94 -24.28
N GLY F 11 -19.02 17.65 -23.67
CA GLY F 11 -19.43 16.26 -23.49
C GLY F 11 -19.69 15.58 -24.82
N ALA F 12 -19.29 14.31 -24.89
CA ALA F 12 -19.46 13.51 -26.11
C ALA F 12 -20.73 12.67 -25.99
N HIS F 13 -21.87 13.36 -26.12
CA HIS F 13 -23.17 12.74 -26.01
C HIS F 13 -23.47 11.79 -27.17
N THR F 24 -20.05 27.33 -32.12
CA THR F 24 -20.41 27.53 -30.72
C THR F 24 -19.59 26.64 -29.81
N ILE F 25 -18.74 25.81 -30.40
CA ILE F 25 -17.83 24.96 -29.64
C ILE F 25 -16.40 25.27 -30.05
N HIS F 26 -16.14 26.52 -30.41
CA HIS F 26 -14.82 26.97 -30.79
C HIS F 26 -14.46 28.22 -30.00
N TYR F 27 -13.16 28.43 -29.78
CA TYR F 27 -12.68 29.59 -29.05
C TYR F 27 -11.43 30.13 -29.73
N THR F 28 -11.16 31.41 -29.49
CA THR F 28 -10.05 32.11 -30.11
C THR F 28 -8.94 32.35 -29.09
N ASN F 29 -7.74 32.59 -29.61
CA ASN F 29 -6.55 32.74 -28.79
C ASN F 29 -5.53 33.59 -29.52
N ILE F 30 -4.93 34.57 -28.83
CA ILE F 30 -3.88 35.43 -29.41
C ILE F 30 -2.76 35.57 -28.37
N ASN F 31 -1.50 35.41 -28.74
CA ASN F 31 -0.34 35.48 -27.86
C ASN F 31 0.14 36.92 -27.76
N TYR F 32 0.18 37.46 -26.54
CA TYR F 32 0.51 38.85 -26.32
C TYR F 32 1.97 39.10 -25.97
N TYR F 33 2.78 38.07 -25.79
CA TYR F 33 4.13 38.23 -25.27
C TYR F 33 5.13 37.52 -26.15
N LYS F 34 6.37 37.99 -26.08
CA LYS F 34 7.45 37.56 -26.96
C LYS F 34 8.12 36.26 -26.52
N ASP F 35 7.76 35.72 -25.36
CA ASP F 35 8.40 34.54 -24.82
C ASP F 35 7.39 33.40 -24.74
N ALA F 36 7.82 32.20 -25.16
CA ALA F 36 6.93 31.05 -25.11
C ALA F 36 6.61 30.63 -23.70
N ALA F 37 7.41 31.04 -22.71
CA ALA F 37 7.11 30.74 -21.32
C ALA F 37 5.91 31.51 -20.81
N SER F 38 5.42 32.51 -21.55
CA SER F 38 4.30 33.32 -21.14
C SER F 38 2.96 32.77 -21.61
N ASN F 39 2.94 31.75 -22.46
CA ASN F 39 1.70 31.22 -22.98
C ASN F 39 0.91 30.52 -21.89
N SER F 40 -0.33 30.16 -22.21
CA SER F 40 -1.19 29.43 -21.28
C SER F 40 -0.77 27.97 -21.25
N ALA F 41 -1.55 27.14 -20.59
CA ALA F 41 -1.18 25.73 -20.42
C ALA F 41 -1.58 24.90 -21.64
N ASN F 42 -0.89 23.80 -21.82
CA ASN F 42 -1.19 22.85 -22.89
C ASN F 42 -2.11 21.75 -22.36
N ARG F 43 -3.35 22.15 -22.07
CA ARG F 43 -4.30 21.26 -21.43
C ARG F 43 -4.94 20.28 -22.39
N GLN F 44 -4.84 20.48 -23.70
CA GLN F 44 -5.50 19.65 -24.70
C GLN F 44 -4.51 18.78 -25.46
N ASP F 45 -3.50 18.26 -24.77
CA ASP F 45 -2.55 17.31 -25.34
C ASP F 45 -2.77 15.97 -24.63
N PHE F 46 -3.49 15.06 -25.28
CA PHE F 46 -3.99 13.84 -24.66
C PHE F 46 -3.34 12.59 -25.24
N THR F 47 -2.03 12.62 -25.42
CA THR F 47 -1.31 11.42 -25.83
C THR F 47 -1.10 10.50 -24.63
N GLN F 48 -0.99 9.20 -24.91
CA GLN F 48 -0.68 8.23 -23.88
C GLN F 48 -0.14 6.98 -24.54
N ASP F 49 0.85 6.36 -23.88
CA ASP F 49 1.48 5.14 -24.40
C ASP F 49 2.02 4.35 -23.21
N PRO F 50 1.16 3.56 -22.57
CA PRO F 50 1.58 2.82 -21.38
C PRO F 50 2.33 1.53 -21.65
N SER F 51 2.73 1.27 -22.90
CA SER F 51 3.43 0.03 -23.21
C SER F 51 4.85 0.00 -22.68
N LYS F 52 5.42 1.16 -22.33
CA LYS F 52 6.78 1.17 -21.79
C LYS F 52 6.83 0.70 -20.35
N PHE F 53 5.72 0.80 -19.62
CA PHE F 53 5.66 0.34 -18.23
C PHE F 53 4.93 -0.98 -18.07
N THR F 54 3.98 -1.30 -18.95
CA THR F 54 3.18 -2.50 -18.82
C THR F 54 3.73 -3.66 -19.64
N GLU F 55 4.35 -3.39 -20.79
CA GLU F 55 4.94 -4.42 -21.64
C GLU F 55 6.34 -4.01 -22.06
N PRO F 56 7.29 -3.91 -21.12
CA PRO F 56 8.67 -3.55 -21.45
C PRO F 56 9.50 -4.77 -21.84
N MET F 57 8.94 -5.63 -22.68
CA MET F 57 9.47 -6.96 -22.89
C MET F 57 10.24 -7.03 -24.21
N LYS F 58 11.34 -7.76 -24.19
CA LYS F 58 12.14 -7.91 -25.41
C LYS F 58 11.35 -8.63 -26.50
N ASP F 59 10.62 -9.67 -26.13
CA ASP F 59 9.77 -10.42 -27.06
C ASP F 59 8.31 -10.15 -26.75
N VAL F 60 7.52 -9.96 -27.81
CA VAL F 60 6.11 -9.64 -27.65
C VAL F 60 5.37 -10.83 -27.03
N MET F 61 4.23 -10.54 -26.41
CA MET F 61 3.41 -11.55 -25.77
C MET F 61 1.97 -11.38 -26.21
N ILE F 62 1.31 -12.50 -26.53
CA ILE F 62 -0.08 -12.51 -26.95
C ILE F 62 -0.92 -13.09 -25.82
N LYS F 63 -2.10 -12.49 -25.60
CA LYS F 63 -2.95 -12.96 -24.51
C LYS F 63 -3.38 -14.40 -24.71
N SER F 64 -3.76 -14.76 -25.94
CA SER F 64 -4.26 -16.10 -26.21
C SER F 64 -3.18 -17.16 -26.02
N LEU F 65 -1.96 -16.88 -26.47
CA LEU F 65 -0.89 -17.86 -26.39
C LEU F 65 -0.44 -18.06 -24.94
N PRO F 66 0.06 -19.24 -24.61
CA PRO F 66 0.61 -19.45 -23.26
C PRO F 66 1.82 -18.57 -23.01
N ALA F 67 1.99 -18.17 -21.75
CA ALA F 67 3.08 -17.27 -21.40
C ALA F 67 4.44 -17.90 -21.63
N LEU F 68 4.55 -19.22 -21.46
CA LEU F 68 5.82 -19.90 -21.61
C LEU F 68 5.71 -21.06 -22.61
C1 SPH G . 14.17 20.42 -7.98
O1 SPH G . 15.41 21.01 -8.30
C2 SPH G . 13.05 21.14 -8.73
N2 SPH G . 12.12 20.15 -9.23
C3 SPH G . 12.32 22.07 -7.79
O3 SPH G . 13.17 22.52 -6.76
C4 SPH G . 11.74 23.25 -8.52
C5 SPH G . 12.41 24.56 -8.41
C6 SPH G . 11.69 25.82 -8.80
C7 SPH G . 11.91 26.10 -10.28
C8 SPH G . 11.12 27.33 -10.74
C9 SPH G . 11.11 28.41 -9.66
C10 SPH G . 12.37 29.25 -9.68
C11 SPH G . 12.12 30.60 -10.34
C12 SPH G . 12.02 31.72 -9.33
C13 SPH G . 11.79 33.05 -10.01
C14 SPH G . 11.12 34.05 -9.08
C15 SPH G . 11.26 35.46 -9.66
C16 SPH G . 10.58 36.49 -8.76
C17 SPH G . 10.86 37.89 -9.28
C18 SPH G . 10.21 38.93 -8.38
#